data_5HKA
#
_entry.id   5HKA
#
_cell.length_a   168.971
_cell.length_b   83.711
_cell.length_c   88.879
_cell.angle_alpha   90.00
_cell.angle_beta   100.68
_cell.angle_gamma   90.00
#
_symmetry.space_group_name_H-M   'C 1 2 1'
#
loop_
_entity.id
_entity.type
_entity.pdbx_description
1 polymer 'CFTR inhibitory factor'
2 non-polymer "5'-[2,6-dichloro-4-(propanoylamino)phenoxy]-2'-hydroxybiphenyl-4-carboxamide"
3 water water
#
_entity_poly.entity_id   1
_entity_poly.type   'polypeptide(L)'
_entity_poly.pdbx_seq_one_letter_code
;AEEFPVPNGFESAYREVDGVKLHYVKGGQGPLVMLVHGFGQTWYEWHQLMPELAKRFTVIAPDLPGLGQSEPPKTGYSGE
QVAVYLHKLARQFSPDRPFDLVAHDIGIWNTYPMVVKNQADIARLVYMEAPIPDARIYRFPAFTAQGESLVWHFSFFAAD
DRLAETLIAGKERFFLEHFIKSHASNTEVFSERLLDLYARSYAKPHSLNASFEYYRALNESVRQNAELAKTRLQMPTMTL
AGGGHGGMGTFQLEQMKAYAEDVEGHVLPGCGHWLPEECAAPMNRLVIDFLSRGRHHHHHH
;
_entity_poly.pdbx_strand_id   A,B,C,D
#
# COMPACT_ATOMS: atom_id res chain seq x y z
N ALA A 1 -19.28 -25.01 10.61
CA ALA A 1 -18.13 -24.10 10.58
C ALA A 1 -18.42 -22.83 9.77
N GLU A 2 -17.89 -21.70 10.22
CA GLU A 2 -18.01 -20.46 9.47
C GLU A 2 -16.62 -19.89 9.23
N GLU A 3 -16.35 -19.56 7.98
CA GLU A 3 -15.07 -18.95 7.62
C GLU A 3 -15.00 -17.51 8.12
N PHE A 4 -16.16 -16.88 8.28
CA PHE A 4 -16.24 -15.49 8.71
C PHE A 4 -17.29 -15.32 9.78
N PRO A 5 -17.07 -14.37 10.71
CA PRO A 5 -18.06 -14.18 11.77
C PRO A 5 -19.39 -13.65 11.22
N VAL A 6 -20.48 -14.30 11.60
CA VAL A 6 -21.81 -13.91 11.17
C VAL A 6 -22.31 -12.80 12.08
N PRO A 7 -22.78 -11.69 11.49
CA PRO A 7 -23.27 -10.59 12.32
C PRO A 7 -24.47 -11.03 13.16
N ASN A 8 -24.58 -10.44 14.35
CA ASN A 8 -25.64 -10.78 15.29
C ASN A 8 -27.03 -10.65 14.66
N GLY A 9 -27.86 -11.68 14.82
CA GLY A 9 -29.19 -11.66 14.26
C GLY A 9 -29.26 -12.00 12.77
N PHE A 10 -28.16 -12.49 12.22
CA PHE A 10 -28.15 -13.02 10.86
C PHE A 10 -27.96 -14.52 10.95
N GLU A 11 -28.42 -15.26 9.94
CA GLU A 11 -28.19 -16.69 9.92
C GLU A 11 -27.29 -17.09 8.76
N SER A 12 -26.43 -18.07 9.00
CA SER A 12 -25.63 -18.65 7.94
C SER A 12 -26.32 -19.93 7.53
N ALA A 13 -26.66 -20.05 6.26
CA ALA A 13 -27.38 -21.23 5.80
C ALA A 13 -26.93 -21.66 4.40
N TYR A 14 -27.53 -22.73 3.91
CA TYR A 14 -27.17 -23.24 2.61
C TYR A 14 -28.44 -23.56 1.84
N ARG A 15 -28.36 -23.38 0.53
CA ARG A 15 -29.48 -23.69 -0.33
C ARG A 15 -29.01 -24.42 -1.58
N GLU A 16 -29.59 -25.59 -1.83
CA GLU A 16 -29.29 -26.38 -3.00
C GLU A 16 -30.04 -25.79 -4.18
N VAL A 17 -29.31 -25.41 -5.22
CA VAL A 17 -29.90 -24.81 -6.42
C VAL A 17 -29.30 -25.49 -7.65
N ASP A 18 -30.12 -26.21 -8.41
CA ASP A 18 -29.62 -26.96 -9.57
C ASP A 18 -28.42 -27.86 -9.24
N GLY A 19 -28.51 -28.55 -8.11
CA GLY A 19 -27.48 -29.50 -7.72
C GLY A 19 -26.24 -28.87 -7.10
N VAL A 20 -26.30 -27.57 -6.85
CA VAL A 20 -25.15 -26.87 -6.30
C VAL A 20 -25.52 -26.26 -4.96
N LYS A 21 -24.77 -26.61 -3.93
CA LYS A 21 -25.02 -26.11 -2.59
C LYS A 21 -24.41 -24.71 -2.40
N LEU A 22 -25.28 -23.72 -2.32
CA LEU A 22 -24.83 -22.34 -2.18
C LEU A 22 -24.93 -21.88 -0.73
N HIS A 23 -23.83 -21.33 -0.22
CA HIS A 23 -23.83 -20.75 1.12
C HIS A 23 -24.33 -19.31 1.03
N TYR A 24 -25.07 -18.87 2.04
CA TYR A 24 -25.50 -17.47 2.13
C TYR A 24 -25.67 -17.04 3.58
N VAL A 25 -25.67 -15.73 3.80
CA VAL A 25 -25.95 -15.18 5.13
C VAL A 25 -27.15 -14.27 4.97
N LYS A 26 -28.14 -14.43 5.85
CA LYS A 26 -29.41 -13.74 5.69
C LYS A 26 -29.90 -13.10 7.00
N GLY A 27 -30.57 -11.96 6.88
CA GLY A 27 -31.13 -11.30 8.04
C GLY A 27 -32.08 -10.19 7.64
N GLY A 28 -32.74 -9.61 8.63
CA GLY A 28 -33.59 -8.47 8.37
C GLY A 28 -34.97 -8.86 7.91
N GLN A 29 -35.77 -7.86 7.57
CA GLN A 29 -37.15 -8.11 7.19
C GLN A 29 -37.58 -7.08 6.17
N GLY A 30 -38.52 -7.45 5.31
CA GLY A 30 -38.96 -6.56 4.26
C GLY A 30 -38.59 -7.10 2.89
N PRO A 31 -38.71 -6.26 1.85
CA PRO A 31 -38.32 -6.66 0.49
C PRO A 31 -36.88 -7.17 0.42
N LEU A 32 -36.61 -8.08 -0.52
CA LEU A 32 -35.31 -8.73 -0.62
C LEU A 32 -34.25 -7.89 -1.33
N VAL A 33 -33.06 -7.81 -0.74
CA VAL A 33 -31.86 -7.31 -1.41
C VAL A 33 -30.78 -8.38 -1.38
N MET A 34 -30.26 -8.72 -2.57
CA MET A 34 -29.16 -9.67 -2.65
C MET A 34 -27.84 -8.94 -2.89
N LEU A 35 -26.85 -9.21 -2.06
CA LEU A 35 -25.52 -8.62 -2.17
C LEU A 35 -24.53 -9.67 -2.69
N VAL A 36 -23.88 -9.38 -3.82
CA VAL A 36 -22.98 -10.33 -4.46
C VAL A 36 -21.54 -9.82 -4.50
N HIS A 37 -20.67 -10.49 -3.73
CA HIS A 37 -19.25 -10.17 -3.62
C HIS A 37 -18.48 -10.43 -4.91
N GLY A 38 -17.19 -10.07 -4.91
CA GLY A 38 -16.32 -10.30 -6.05
C GLY A 38 -15.08 -11.11 -5.70
N PHE A 39 -14.08 -11.04 -6.57
CA PHE A 39 -12.87 -11.86 -6.44
C PHE A 39 -12.05 -11.48 -5.23
N GLY A 40 -11.45 -12.49 -4.60
CA GLY A 40 -10.59 -12.28 -3.45
C GLY A 40 -11.37 -12.26 -2.16
N GLN A 41 -12.69 -12.19 -2.27
CA GLN A 41 -13.55 -12.02 -1.12
C GLN A 41 -14.72 -12.98 -1.07
N THR A 42 -15.64 -12.71 -0.15
CA THR A 42 -16.78 -13.57 0.07
C THR A 42 -17.91 -12.67 0.52
N TRP A 43 -19.03 -13.29 0.93
CA TRP A 43 -20.15 -12.55 1.48
C TRP A 43 -19.68 -11.52 2.52
N TYR A 44 -18.57 -11.83 3.18
CA TYR A 44 -18.14 -11.08 4.33
C TYR A 44 -17.81 -9.63 4.00
N GLU A 45 -17.52 -9.31 2.74
CA GLU A 45 -17.20 -7.92 2.40
C GLU A 45 -18.38 -7.00 2.70
N TRP A 46 -19.58 -7.58 2.78
CA TRP A 46 -20.80 -6.82 3.00
C TRP A 46 -21.18 -6.73 4.46
N HIS A 47 -20.34 -7.27 5.34
CA HIS A 47 -20.77 -7.47 6.73
C HIS A 47 -21.03 -6.19 7.50
N GLN A 48 -20.42 -5.08 7.08
CA GLN A 48 -20.70 -3.80 7.74
C GLN A 48 -21.98 -3.15 7.18
N LEU A 49 -22.25 -3.37 5.89
CA LEU A 49 -23.44 -2.84 5.26
C LEU A 49 -24.72 -3.59 5.69
N MET A 50 -24.60 -4.89 5.85
CA MET A 50 -25.77 -5.75 6.10
C MET A 50 -26.68 -5.37 7.30
N PRO A 51 -26.10 -5.12 8.48
CA PRO A 51 -26.99 -4.86 9.61
C PRO A 51 -27.75 -3.55 9.41
N GLU A 52 -27.17 -2.62 8.66
CA GLU A 52 -27.85 -1.36 8.38
C GLU A 52 -28.99 -1.56 7.38
N LEU A 53 -28.73 -2.35 6.33
CA LEU A 53 -29.76 -2.69 5.35
C LEU A 53 -30.88 -3.52 5.94
N ALA A 54 -30.50 -4.43 6.84
CA ALA A 54 -31.43 -5.36 7.45
C ALA A 54 -32.53 -4.66 8.24
N LYS A 55 -32.35 -3.38 8.53
CA LYS A 55 -33.37 -2.64 9.26
C LYS A 55 -34.53 -2.27 8.34
N ARG A 56 -34.31 -2.36 7.03
CA ARG A 56 -35.33 -1.95 6.05
C ARG A 56 -35.63 -3.04 5.00
N PHE A 57 -34.79 -4.08 4.95
CA PHE A 57 -34.89 -5.11 3.92
C PHE A 57 -34.59 -6.48 4.48
N THR A 58 -35.06 -7.51 3.78
CA THR A 58 -34.52 -8.84 3.99
C THR A 58 -33.24 -8.90 3.14
N VAL A 59 -32.11 -9.14 3.79
CA VAL A 59 -30.83 -9.11 3.10
C VAL A 59 -30.27 -10.52 2.96
N ILE A 60 -29.86 -10.87 1.74
CA ILE A 60 -29.14 -12.12 1.54
C ILE A 60 -27.78 -11.88 0.86
N ALA A 61 -26.73 -12.45 1.42
CA ALA A 61 -25.41 -12.35 0.82
C ALA A 61 -24.84 -13.74 0.58
N PRO A 62 -24.92 -14.21 -0.67
CA PRO A 62 -24.39 -15.53 -0.99
C PRO A 62 -22.90 -15.52 -1.32
N ASP A 63 -22.28 -16.67 -1.12
CA ASP A 63 -20.95 -16.91 -1.64
C ASP A 63 -21.09 -17.38 -3.07
N LEU A 64 -20.29 -16.81 -3.97
CA LEU A 64 -20.30 -17.21 -5.37
C LEU A 64 -19.91 -18.66 -5.49
N PRO A 65 -20.46 -19.36 -6.49
CA PRO A 65 -20.14 -20.79 -6.72
C PRO A 65 -18.63 -21.05 -6.68
N GLY A 66 -18.22 -21.96 -5.80
CA GLY A 66 -16.80 -22.29 -5.68
C GLY A 66 -16.02 -21.43 -4.69
N LEU A 67 -16.58 -20.27 -4.37
CA LEU A 67 -15.89 -19.35 -3.46
C LEU A 67 -16.55 -19.40 -2.09
N GLY A 68 -15.85 -18.92 -1.07
CA GLY A 68 -16.36 -18.98 0.29
C GLY A 68 -16.79 -20.40 0.58
N GLN A 69 -18.02 -20.56 1.09
CA GLN A 69 -18.52 -21.87 1.45
C GLN A 69 -19.50 -22.45 0.43
N SER A 70 -19.55 -21.88 -0.79
CA SER A 70 -20.40 -22.41 -1.87
C SER A 70 -19.69 -23.43 -2.75
N GLU A 71 -20.40 -24.48 -3.14
CA GLU A 71 -19.88 -25.48 -4.07
C GLU A 71 -19.64 -24.87 -5.45
N PRO A 72 -18.68 -25.43 -6.21
CA PRO A 72 -18.43 -24.98 -7.59
C PRO A 72 -19.67 -25.18 -8.43
N PRO A 73 -19.84 -24.39 -9.51
CA PRO A 73 -21.01 -24.62 -10.37
C PRO A 73 -20.84 -25.94 -11.12
N LYS A 74 -21.95 -26.53 -11.56
CA LYS A 74 -21.90 -27.80 -12.29
C LYS A 74 -22.04 -27.56 -13.80
N THR A 75 -22.49 -26.39 -14.19
CA THR A 75 -22.61 -26.07 -15.62
C THR A 75 -21.30 -25.47 -16.12
N GLY A 76 -20.95 -24.30 -15.61
CA GLY A 76 -19.71 -23.65 -15.99
C GLY A 76 -19.59 -22.30 -15.29
N TYR A 77 -18.55 -21.55 -15.63
CA TYR A 77 -18.28 -20.29 -14.92
C TYR A 77 -18.56 -19.02 -15.72
N SER A 78 -19.16 -19.13 -16.90
CA SER A 78 -19.51 -17.91 -17.64
C SER A 78 -20.60 -17.17 -16.90
N GLY A 79 -20.73 -15.87 -17.18
CA GLY A 79 -21.69 -15.03 -16.50
C GLY A 79 -23.10 -15.57 -16.61
N GLU A 80 -23.44 -16.06 -17.79
CA GLU A 80 -24.79 -16.52 -18.02
C GLU A 80 -25.11 -17.77 -17.19
N GLN A 81 -24.16 -18.69 -17.12
CA GLN A 81 -24.35 -19.93 -16.36
C GLN A 81 -24.45 -19.65 -14.86
N VAL A 82 -23.52 -18.87 -14.35
CA VAL A 82 -23.49 -18.57 -12.93
C VAL A 82 -24.71 -17.75 -12.51
N ALA A 83 -25.12 -16.80 -13.34
CA ALA A 83 -26.33 -16.00 -13.08
C ALA A 83 -27.58 -16.83 -12.76
N VAL A 84 -27.73 -17.95 -13.46
CA VAL A 84 -28.86 -18.86 -13.20
C VAL A 84 -28.91 -19.26 -11.73
N TYR A 85 -27.77 -19.63 -11.14
CA TYR A 85 -27.78 -20.01 -9.75
C TYR A 85 -28.22 -18.88 -8.83
N LEU A 86 -27.69 -17.68 -9.07
CA LEU A 86 -27.99 -16.53 -8.21
C LEU A 86 -29.44 -16.06 -8.35
N HIS A 87 -29.96 -16.08 -9.58
CA HIS A 87 -31.34 -15.69 -9.83
C HIS A 87 -32.30 -16.66 -9.13
N LYS A 88 -32.10 -17.95 -9.36
CA LYS A 88 -32.93 -18.95 -8.69
C LYS A 88 -32.86 -18.83 -7.16
N LEU A 89 -31.66 -18.64 -6.62
CA LEU A 89 -31.51 -18.46 -5.17
C LEU A 89 -32.37 -17.30 -4.68
N ALA A 90 -32.21 -16.15 -5.31
CA ALA A 90 -32.94 -14.96 -4.89
C ALA A 90 -34.44 -15.21 -4.95
N ARG A 91 -34.86 -15.87 -6.03
CA ARG A 91 -36.27 -16.04 -6.29
C ARG A 91 -36.91 -17.05 -5.34
N GLN A 92 -36.10 -17.83 -4.65
CA GLN A 92 -36.61 -18.70 -3.60
C GLN A 92 -37.09 -17.86 -2.41
N PHE A 93 -36.37 -16.78 -2.14
CA PHE A 93 -36.74 -15.89 -1.03
C PHE A 93 -37.63 -14.73 -1.44
N SER A 94 -37.79 -14.50 -2.74
CA SER A 94 -38.69 -13.47 -3.23
C SER A 94 -39.40 -13.94 -4.49
N PRO A 95 -40.25 -14.96 -4.37
CA PRO A 95 -40.86 -15.58 -5.55
C PRO A 95 -42.00 -14.78 -6.17
N ASP A 96 -42.55 -13.81 -5.43
CA ASP A 96 -43.75 -13.09 -5.87
C ASP A 96 -43.52 -11.60 -6.04
N ARG A 97 -42.30 -11.14 -5.80
CA ARG A 97 -41.98 -9.73 -5.84
C ARG A 97 -40.57 -9.54 -6.38
N PRO A 98 -40.34 -8.45 -7.12
CA PRO A 98 -38.98 -8.15 -7.57
C PRO A 98 -38.11 -7.87 -6.37
N PHE A 99 -36.80 -8.12 -6.49
CA PHE A 99 -35.86 -7.87 -5.41
C PHE A 99 -34.80 -6.87 -5.88
N ASP A 100 -34.00 -6.37 -4.95
CA ASP A 100 -32.90 -5.47 -5.27
C ASP A 100 -31.60 -6.25 -5.39
N LEU A 101 -30.67 -5.71 -6.16
CA LEU A 101 -29.40 -6.36 -6.39
C LEU A 101 -28.26 -5.36 -6.22
N VAL A 102 -27.27 -5.72 -5.41
CA VAL A 102 -26.04 -4.96 -5.26
C VAL A 102 -24.88 -5.90 -5.57
N ALA A 103 -23.99 -5.52 -6.48
CA ALA A 103 -22.90 -6.42 -6.87
C ALA A 103 -21.60 -5.67 -7.02
N HIS A 104 -20.51 -6.32 -6.63
CA HIS A 104 -19.20 -5.71 -6.61
C HIS A 104 -18.28 -6.63 -7.42
N ASP A 105 -17.46 -6.05 -8.28
CA ASP A 105 -16.42 -6.81 -8.97
C ASP A 105 -17.03 -7.94 -9.81
N ILE A 106 -16.50 -9.17 -9.72
CA ILE A 106 -17.03 -10.22 -10.57
C ILE A 106 -18.48 -10.63 -10.19
N GLY A 107 -18.99 -10.06 -9.09
CA GLY A 107 -20.41 -10.17 -8.79
C GLY A 107 -21.25 -9.58 -9.91
N ILE A 108 -20.68 -8.59 -10.59
CA ILE A 108 -21.32 -7.97 -11.73
C ILE A 108 -21.38 -8.94 -12.91
N TRP A 109 -20.24 -9.56 -13.20
CA TRP A 109 -20.16 -10.50 -14.31
C TRP A 109 -21.20 -11.59 -14.10
N ASN A 110 -21.36 -12.01 -12.85
CA ASN A 110 -22.20 -13.17 -12.53
C ASN A 110 -23.68 -12.86 -12.27
N THR A 111 -24.08 -11.60 -12.45
CA THR A 111 -25.46 -11.22 -12.27
C THR A 111 -26.04 -10.52 -13.48
N TYR A 112 -25.20 -9.83 -14.24
CA TYR A 112 -25.70 -9.08 -15.40
C TYR A 112 -26.66 -9.90 -16.29
N PRO A 113 -26.30 -11.14 -16.65
CA PRO A 113 -27.21 -11.86 -17.55
C PRO A 113 -28.61 -12.12 -16.97
N MET A 114 -28.73 -12.42 -15.68
CA MET A 114 -30.06 -12.66 -15.15
C MET A 114 -30.85 -11.36 -14.93
N VAL A 115 -30.15 -10.24 -14.79
CA VAL A 115 -30.81 -8.94 -14.69
C VAL A 115 -31.43 -8.58 -16.04
N VAL A 116 -30.66 -8.70 -17.10
CA VAL A 116 -31.13 -8.30 -18.42
C VAL A 116 -32.20 -9.28 -18.93
N LYS A 117 -32.09 -10.55 -18.54
CA LYS A 117 -33.04 -11.56 -18.97
C LYS A 117 -34.30 -11.66 -18.11
N ASN A 118 -34.28 -11.07 -16.91
CA ASN A 118 -35.44 -11.09 -16.04
C ASN A 118 -35.65 -9.71 -15.43
N GLN A 119 -35.78 -8.71 -16.29
CA GLN A 119 -35.81 -7.32 -15.86
C GLN A 119 -36.90 -7.04 -14.84
N ALA A 120 -38.03 -7.75 -14.95
CA ALA A 120 -39.14 -7.52 -14.04
C ALA A 120 -38.87 -8.08 -12.64
N ASP A 121 -37.86 -8.94 -12.51
CA ASP A 121 -37.50 -9.50 -11.20
C ASP A 121 -36.60 -8.59 -10.38
N ILE A 122 -36.04 -7.56 -11.02
CA ILE A 122 -35.08 -6.68 -10.38
C ILE A 122 -35.67 -5.29 -10.23
N ALA A 123 -35.94 -4.86 -9.00
CA ALA A 123 -36.55 -3.56 -8.79
C ALA A 123 -35.52 -2.44 -8.97
N ARG A 124 -34.40 -2.56 -8.24
CA ARG A 124 -33.34 -1.57 -8.29
C ARG A 124 -31.99 -2.27 -8.32
N LEU A 125 -31.00 -1.61 -8.90
CA LEU A 125 -29.73 -2.25 -9.21
C LEU A 125 -28.58 -1.32 -8.84
N VAL A 126 -27.61 -1.84 -8.08
CA VAL A 126 -26.37 -1.14 -7.78
C VAL A 126 -25.15 -1.97 -8.21
N TYR A 127 -24.34 -1.41 -9.11
CA TYR A 127 -23.12 -2.08 -9.55
C TYR A 127 -21.88 -1.27 -9.17
N MET A 128 -20.86 -1.92 -8.61
CA MET A 128 -19.65 -1.18 -8.28
C MET A 128 -18.37 -1.89 -8.65
N GLU A 129 -17.44 -1.12 -9.17
CA GLU A 129 -16.05 -1.55 -9.30
C GLU A 129 -15.81 -2.86 -10.06
N ALA A 130 -16.35 -2.93 -11.28
CA ALA A 130 -15.86 -3.85 -12.32
C ALA A 130 -16.56 -3.54 -13.63
N PRO A 131 -15.87 -3.76 -14.74
CA PRO A 131 -16.55 -3.68 -16.04
C PRO A 131 -17.53 -4.85 -16.24
N ILE A 132 -18.67 -4.57 -16.86
CA ILE A 132 -19.51 -5.64 -17.40
C ILE A 132 -18.69 -6.24 -18.52
N PRO A 133 -18.61 -7.58 -18.60
CA PRO A 133 -17.77 -8.18 -19.65
C PRO A 133 -18.27 -7.83 -21.06
N ASP A 134 -17.45 -7.06 -21.77
CA ASP A 134 -17.66 -6.75 -23.18
C ASP A 134 -16.33 -6.37 -23.80
N ALA A 135 -16.34 -6.00 -25.07
CA ALA A 135 -15.10 -5.68 -25.82
C ALA A 135 -14.25 -4.54 -25.24
N ARG A 136 -14.82 -3.71 -24.39
CA ARG A 136 -14.03 -2.63 -23.77
C ARG A 136 -12.85 -3.20 -22.96
N ILE A 137 -13.03 -4.37 -22.37
CA ILE A 137 -11.95 -4.92 -21.56
C ILE A 137 -10.70 -5.28 -22.38
N TYR A 138 -10.84 -5.38 -23.70
CA TYR A 138 -9.72 -5.69 -24.57
C TYR A 138 -8.89 -4.44 -24.84
N ARG A 139 -9.39 -3.31 -24.34
CA ARG A 139 -8.70 -2.04 -24.48
C ARG A 139 -7.85 -1.66 -23.25
N PHE A 140 -8.08 -2.30 -22.11
CA PHE A 140 -7.26 -2.02 -20.93
CA PHE A 140 -7.27 -2.01 -20.92
C PHE A 140 -5.81 -2.40 -21.18
N PRO A 141 -4.87 -1.54 -20.76
CA PRO A 141 -3.43 -1.73 -20.99
C PRO A 141 -2.78 -2.79 -20.09
N ALA A 142 -1.78 -3.48 -20.64
CA ALA A 142 -1.01 -4.49 -19.90
C ALA A 142 -0.09 -3.83 -18.89
N PHE A 143 0.32 -2.60 -19.19
CA PHE A 143 1.37 -1.92 -18.44
C PHE A 143 1.10 -0.42 -18.50
N THR A 144 1.42 0.32 -17.44
CA THR A 144 1.20 1.77 -17.43
C THR A 144 2.47 2.54 -17.07
N ALA A 145 2.44 3.84 -17.34
CA ALA A 145 3.55 4.71 -17.00
C ALA A 145 3.81 4.77 -15.50
N GLN A 146 2.85 4.29 -14.70
CA GLN A 146 3.01 4.19 -13.24
C GLN A 146 3.46 2.80 -12.75
N GLY A 147 3.44 1.81 -13.63
CA GLY A 147 3.86 0.46 -13.28
C GLY A 147 2.76 -0.54 -13.57
N GLU A 148 2.61 -1.55 -12.72
CA GLU A 148 1.59 -2.59 -12.93
C GLU A 148 0.19 -2.02 -13.15
N SER A 149 -0.47 -2.50 -14.21
CA SER A 149 -1.79 -2.01 -14.58
C SER A 149 -2.85 -2.66 -13.69
N LEU A 150 -4.10 -2.31 -13.92
CA LEU A 150 -5.12 -2.76 -12.99
C LEU A 150 -5.72 -4.12 -13.33
N VAL A 151 -5.63 -4.52 -14.61
CA VAL A 151 -6.18 -5.81 -15.00
C VAL A 151 -5.23 -6.75 -15.74
N TRP A 152 -3.94 -6.65 -15.46
CA TRP A 152 -3.00 -7.60 -16.06
C TRP A 152 -3.32 -9.01 -15.60
N HIS A 153 -3.93 -9.11 -14.43
CA HIS A 153 -4.20 -10.40 -13.80
C HIS A 153 -5.25 -11.20 -14.58
N PHE A 154 -6.02 -10.51 -15.44
CA PHE A 154 -6.98 -11.19 -16.29
C PHE A 154 -6.27 -12.26 -17.10
N SER A 155 -5.13 -11.92 -17.68
CA SER A 155 -4.38 -12.84 -18.53
C SER A 155 -3.67 -13.92 -17.70
N PHE A 156 -3.12 -13.49 -16.56
CA PHE A 156 -2.49 -14.39 -15.58
C PHE A 156 -3.50 -15.47 -15.19
N PHE A 157 -4.67 -15.03 -14.76
CA PHE A 157 -5.68 -15.95 -14.27
C PHE A 157 -6.25 -16.82 -15.38
N ALA A 158 -6.31 -16.27 -16.60
CA ALA A 158 -6.93 -16.97 -17.72
C ALA A 158 -5.95 -17.91 -18.41
N ALA A 159 -4.66 -17.78 -18.11
CA ALA A 159 -3.64 -18.58 -18.79
C ALA A 159 -3.85 -20.07 -18.59
N ASP A 160 -3.54 -20.86 -19.60
CA ASP A 160 -3.74 -22.30 -19.49
CA ASP A 160 -3.70 -22.31 -19.56
C ASP A 160 -2.65 -22.94 -18.64
N ASP A 161 -2.61 -24.27 -18.62
CA ASP A 161 -1.62 -25.01 -17.83
C ASP A 161 -1.77 -24.75 -16.33
N ARG A 162 -2.92 -24.23 -15.92
CA ARG A 162 -3.15 -23.87 -14.52
C ARG A 162 -1.99 -23.02 -14.01
N LEU A 163 -1.57 -22.06 -14.83
CA LEU A 163 -0.44 -21.22 -14.47
C LEU A 163 -0.62 -20.59 -13.10
N ALA A 164 -1.77 -19.93 -12.90
CA ALA A 164 -1.95 -19.15 -11.68
C ALA A 164 -2.07 -20.01 -10.42
N GLU A 165 -2.79 -21.14 -10.50
CA GLU A 165 -2.88 -22.06 -9.37
C GLU A 165 -1.51 -22.59 -8.98
N THR A 166 -0.75 -22.99 -10.00
CA THR A 166 0.57 -23.57 -9.76
C THR A 166 1.52 -22.57 -9.10
N LEU A 167 1.47 -21.32 -9.54
CA LEU A 167 2.33 -20.30 -8.94
C LEU A 167 1.83 -19.87 -7.57
N ILE A 168 0.51 -19.76 -7.42
CA ILE A 168 -0.08 -19.15 -6.22
C ILE A 168 -0.32 -20.12 -5.05
N ALA A 169 -0.61 -21.39 -5.33
CA ALA A 169 -0.88 -22.37 -4.28
C ALA A 169 0.25 -22.39 -3.24
N GLY A 170 -0.08 -22.28 -1.96
CA GLY A 170 0.93 -22.22 -0.93
C GLY A 170 1.39 -20.81 -0.62
N LYS A 171 1.10 -19.88 -1.53
CA LYS A 171 1.45 -18.49 -1.30
C LYS A 171 0.20 -17.62 -1.43
N GLU A 172 -0.95 -18.20 -1.12
CA GLU A 172 -2.23 -17.53 -1.31
C GLU A 172 -2.35 -16.27 -0.47
N ARG A 173 -1.84 -16.33 0.75
CA ARG A 173 -1.94 -15.20 1.66
C ARG A 173 -1.05 -14.05 1.19
N PHE A 174 0.15 -14.38 0.76
CA PHE A 174 1.08 -13.39 0.18
C PHE A 174 0.48 -12.71 -1.04
N PHE A 175 -0.07 -13.52 -1.94
CA PHE A 175 -0.57 -12.99 -3.20
C PHE A 175 -1.75 -12.07 -2.93
N LEU A 176 -2.67 -12.53 -2.09
CA LEU A 176 -3.85 -11.76 -1.83
C LEU A 176 -3.53 -10.40 -1.23
N GLU A 177 -2.61 -10.36 -0.27
CA GLU A 177 -2.27 -9.08 0.33
C GLU A 177 -1.75 -8.15 -0.75
N HIS A 178 -0.92 -8.66 -1.65
CA HIS A 178 -0.40 -7.80 -2.70
C HIS A 178 -1.52 -7.37 -3.64
N PHE A 179 -2.35 -8.33 -4.04
CA PHE A 179 -3.42 -8.05 -4.97
C PHE A 179 -4.37 -7.00 -4.40
N ILE A 180 -4.83 -7.22 -3.18
CA ILE A 180 -5.78 -6.30 -2.56
C ILE A 180 -5.16 -4.91 -2.38
N LYS A 181 -4.00 -4.84 -1.73
CA LYS A 181 -3.37 -3.54 -1.46
C LYS A 181 -2.98 -2.77 -2.74
N SER A 182 -2.59 -3.47 -3.80
CA SER A 182 -2.21 -2.79 -5.05
C SER A 182 -3.43 -2.19 -5.74
N HIS A 183 -4.60 -2.71 -5.44
CA HIS A 183 -5.85 -2.18 -5.97
C HIS A 183 -6.57 -1.28 -4.96
N ALA A 184 -5.86 -0.87 -3.91
CA ALA A 184 -6.44 -0.02 -2.85
C ALA A 184 -5.85 1.39 -2.80
N SER A 185 -6.65 2.36 -2.37
CA SER A 185 -6.16 3.70 -2.07
CA SER A 185 -6.17 3.70 -2.06
C SER A 185 -5.93 3.78 -0.56
N ASN A 186 -6.95 3.35 0.19
CA ASN A 186 -6.87 3.26 1.64
C ASN A 186 -6.45 1.85 2.05
N THR A 187 -5.15 1.59 1.99
CA THR A 187 -4.63 0.27 2.27
C THR A 187 -4.72 -0.11 3.75
N GLU A 188 -4.76 0.90 4.63
CA GLU A 188 -4.71 0.66 6.07
C GLU A 188 -5.84 -0.20 6.64
N VAL A 189 -6.96 -0.29 5.93
CA VAL A 189 -8.10 -1.05 6.42
C VAL A 189 -7.85 -2.55 6.29
N PHE A 190 -6.93 -2.94 5.40
CA PHE A 190 -6.61 -4.36 5.28
C PHE A 190 -5.56 -4.83 6.28
N SER A 191 -6.00 -4.96 7.52
CA SER A 191 -5.17 -5.49 8.61
C SER A 191 -4.74 -6.89 8.27
N GLU A 192 -3.67 -7.34 8.93
CA GLU A 192 -3.21 -8.71 8.75
C GLU A 192 -4.29 -9.70 9.13
N ARG A 193 -5.07 -9.35 10.14
CA ARG A 193 -6.15 -10.20 10.63
C ARG A 193 -7.23 -10.39 9.56
N LEU A 194 -7.66 -9.30 8.93
CA LEU A 194 -8.66 -9.39 7.88
C LEU A 194 -8.10 -10.13 6.66
N LEU A 195 -6.86 -9.86 6.31
CA LEU A 195 -6.25 -10.57 5.18
C LEU A 195 -6.16 -12.07 5.43
N ASP A 196 -5.93 -12.44 6.70
CA ASP A 196 -5.87 -13.86 7.09
C ASP A 196 -7.22 -14.55 6.84
N LEU A 197 -8.30 -13.89 7.24
CA LEU A 197 -9.64 -14.44 7.01
C LEU A 197 -9.90 -14.68 5.52
N TYR A 198 -9.67 -13.67 4.69
CA TYR A 198 -9.93 -13.84 3.27
C TYR A 198 -9.02 -14.89 2.61
N ALA A 199 -7.73 -14.86 2.94
CA ALA A 199 -6.79 -15.78 2.31
C ALA A 199 -7.10 -17.23 2.66
N ARG A 200 -7.46 -17.46 3.92
CA ARG A 200 -7.84 -18.79 4.38
C ARG A 200 -8.96 -19.35 3.52
N SER A 201 -9.91 -18.50 3.14
CA SER A 201 -11.03 -18.97 2.34
C SER A 201 -10.65 -19.31 0.92
N TYR A 202 -9.87 -18.46 0.26
CA TYR A 202 -9.61 -18.74 -1.14
C TYR A 202 -8.43 -19.69 -1.35
N ALA A 203 -7.76 -20.04 -0.26
CA ALA A 203 -6.70 -21.05 -0.30
C ALA A 203 -7.26 -22.48 -0.38
N LYS A 204 -8.56 -22.65 -0.11
CA LYS A 204 -9.19 -23.95 -0.37
C LYS A 204 -8.95 -24.26 -1.86
N PRO A 205 -8.38 -25.44 -2.16
CA PRO A 205 -7.95 -25.70 -3.54
C PRO A 205 -9.08 -25.52 -4.55
N HIS A 206 -10.28 -26.00 -4.26
CA HIS A 206 -11.39 -25.81 -5.19
C HIS A 206 -11.77 -24.35 -5.30
N SER A 207 -11.47 -23.57 -4.26
CA SER A 207 -11.81 -22.16 -4.28
C SER A 207 -10.78 -21.35 -5.06
N LEU A 208 -9.52 -21.72 -4.93
CA LEU A 208 -8.47 -21.05 -5.69
C LEU A 208 -8.71 -21.31 -7.18
N ASN A 209 -9.02 -22.56 -7.51
CA ASN A 209 -9.29 -22.90 -8.91
C ASN A 209 -10.55 -22.21 -9.42
N ALA A 210 -11.62 -22.23 -8.61
CA ALA A 210 -12.86 -21.55 -9.00
C ALA A 210 -12.63 -20.06 -9.30
N SER A 211 -11.85 -19.39 -8.45
CA SER A 211 -11.50 -17.98 -8.67
C SER A 211 -11.02 -17.75 -10.10
N PHE A 212 -10.12 -18.61 -10.56
CA PHE A 212 -9.53 -18.42 -11.88
C PHE A 212 -10.43 -18.82 -13.02
N GLU A 213 -11.30 -19.81 -12.77
CA GLU A 213 -12.19 -20.29 -13.82
C GLU A 213 -13.15 -19.18 -14.25
N TYR A 214 -13.44 -18.24 -13.35
CA TYR A 214 -14.27 -17.09 -13.71
C TYR A 214 -13.60 -16.24 -14.78
N TYR A 215 -12.28 -16.17 -14.73
CA TYR A 215 -11.51 -15.41 -15.72
C TYR A 215 -11.31 -16.24 -16.98
N ARG A 216 -11.20 -17.56 -16.83
CA ARG A 216 -11.09 -18.47 -17.97
C ARG A 216 -12.38 -18.50 -18.80
N ALA A 217 -13.48 -18.05 -18.19
CA ALA A 217 -14.78 -18.01 -18.85
C ALA A 217 -15.12 -16.59 -19.33
N LEU A 218 -14.18 -15.67 -19.14
CA LEU A 218 -14.43 -14.25 -19.43
C LEU A 218 -14.74 -13.96 -20.91
N ASN A 219 -13.94 -14.51 -21.83
CA ASN A 219 -14.24 -14.36 -23.26
C ASN A 219 -15.62 -14.89 -23.63
N GLU A 220 -15.99 -16.02 -23.03
CA GLU A 220 -17.33 -16.57 -23.27
C GLU A 220 -18.40 -15.60 -22.76
N SER A 221 -18.19 -15.06 -21.55
CA SER A 221 -19.10 -14.06 -20.99
C SER A 221 -19.23 -12.82 -21.88
N VAL A 222 -18.10 -12.40 -22.45
CA VAL A 222 -18.08 -11.29 -23.41
C VAL A 222 -18.99 -11.62 -24.60
N ARG A 223 -18.87 -12.84 -25.12
CA ARG A 223 -19.69 -13.27 -26.25
C ARG A 223 -21.18 -13.38 -25.89
N GLN A 224 -21.49 -13.90 -24.71
CA GLN A 224 -22.86 -13.93 -24.22
C GLN A 224 -23.47 -12.51 -24.14
N ASN A 225 -22.71 -11.60 -23.55
CA ASN A 225 -23.22 -10.27 -23.28
C ASN A 225 -23.46 -9.43 -24.53
N ALA A 226 -22.72 -9.74 -25.59
CA ALA A 226 -22.88 -9.08 -26.87
C ALA A 226 -24.29 -9.27 -27.42
N GLU A 227 -24.84 -10.46 -27.20
CA GLU A 227 -26.22 -10.74 -27.59
C GLU A 227 -27.21 -10.08 -26.63
N LEU A 228 -27.02 -10.35 -25.35
CA LEU A 228 -27.95 -9.89 -24.32
C LEU A 228 -28.06 -8.37 -24.28
N ALA A 229 -26.96 -7.67 -24.56
CA ALA A 229 -26.95 -6.21 -24.42
C ALA A 229 -27.75 -5.49 -25.51
N LYS A 230 -28.34 -6.23 -26.44
CA LYS A 230 -29.19 -5.61 -27.45
C LYS A 230 -30.43 -4.97 -26.84
N THR A 231 -30.71 -5.31 -25.58
CA THR A 231 -31.78 -4.67 -24.84
C THR A 231 -31.26 -4.01 -23.56
N ARG A 232 -31.51 -2.71 -23.41
CA ARG A 232 -31.04 -1.96 -22.23
C ARG A 232 -31.82 -2.27 -20.96
N LEU A 233 -31.17 -2.11 -19.83
CA LEU A 233 -31.80 -2.26 -18.52
C LEU A 233 -32.74 -1.10 -18.27
N GLN A 234 -33.95 -1.37 -17.78
CA GLN A 234 -34.96 -0.34 -17.58
C GLN A 234 -35.15 0.10 -16.13
N MET A 235 -34.63 -0.69 -15.18
CA MET A 235 -34.85 -0.40 -13.77
C MET A 235 -33.86 0.67 -13.29
N PRO A 236 -34.20 1.38 -12.20
CA PRO A 236 -33.26 2.37 -11.67
C PRO A 236 -31.95 1.70 -11.27
N THR A 237 -30.85 2.29 -11.70
CA THR A 237 -29.53 1.72 -11.47
C THR A 237 -28.60 2.79 -10.88
N MET A 238 -27.70 2.38 -9.99
CA MET A 238 -26.64 3.25 -9.51
C MET A 238 -25.28 2.55 -9.67
N THR A 239 -24.28 3.30 -10.12
CA THR A 239 -22.92 2.77 -10.16
C THR A 239 -22.06 3.52 -9.16
N LEU A 240 -21.16 2.76 -8.52
CA LEU A 240 -20.14 3.33 -7.67
C LEU A 240 -18.78 2.91 -8.19
N ALA A 241 -17.81 3.80 -8.08
CA ALA A 241 -16.43 3.49 -8.45
C ALA A 241 -15.48 4.25 -7.52
N GLY A 242 -14.28 3.71 -7.32
CA GLY A 242 -13.27 4.43 -6.57
C GLY A 242 -12.57 5.45 -7.45
N GLY A 243 -12.27 6.62 -6.88
CA GLY A 243 -11.56 7.66 -7.60
C GLY A 243 -10.08 7.63 -7.31
N GLY A 244 -9.70 6.84 -6.31
CA GLY A 244 -8.32 6.76 -5.89
C GLY A 244 -7.59 5.62 -6.56
N HIS A 245 -6.36 5.37 -6.12
CA HIS A 245 -5.53 4.31 -6.68
C HIS A 245 -6.27 2.98 -6.64
N GLY A 246 -6.24 2.26 -7.77
CA GLY A 246 -6.87 0.96 -7.87
C GLY A 246 -8.34 0.95 -8.31
N GLY A 247 -8.95 2.13 -8.34
CA GLY A 247 -10.36 2.23 -8.66
C GLY A 247 -10.63 2.43 -10.14
N MET A 248 -11.89 2.26 -10.54
CA MET A 248 -12.27 2.33 -11.94
CA MET A 248 -12.19 2.36 -11.96
C MET A 248 -12.61 3.74 -12.43
N GLY A 249 -12.74 4.68 -11.50
CA GLY A 249 -13.05 6.06 -11.89
C GLY A 249 -14.32 6.20 -12.74
N THR A 250 -14.25 7.09 -13.72
CA THR A 250 -15.41 7.38 -14.57
C THR A 250 -15.77 6.25 -15.53
N PHE A 251 -14.96 5.19 -15.58
CA PHE A 251 -15.26 4.11 -16.51
C PHE A 251 -16.58 3.44 -16.17
N GLN A 252 -16.84 3.26 -14.87
CA GLN A 252 -17.99 2.49 -14.41
C GLN A 252 -19.29 3.09 -14.92
N LEU A 253 -19.49 4.37 -14.64
CA LEU A 253 -20.67 5.07 -15.11
C LEU A 253 -20.73 5.11 -16.63
N GLU A 254 -19.61 5.41 -17.26
CA GLU A 254 -19.61 5.61 -18.71
C GLU A 254 -19.99 4.31 -19.46
N GLN A 255 -19.46 3.18 -19.01
CA GLN A 255 -19.88 1.92 -19.62
C GLN A 255 -21.35 1.64 -19.33
N MET A 256 -21.77 1.87 -18.10
CA MET A 256 -23.14 1.57 -17.71
C MET A 256 -24.16 2.35 -18.52
N LYS A 257 -23.81 3.58 -18.91
CA LYS A 257 -24.76 4.40 -19.67
C LYS A 257 -25.13 3.72 -20.98
N ALA A 258 -24.23 2.87 -21.47
CA ALA A 258 -24.49 2.12 -22.69
C ALA A 258 -25.43 0.94 -22.43
N TYR A 259 -25.61 0.59 -21.16
CA TYR A 259 -26.36 -0.59 -20.78
C TYR A 259 -27.73 -0.30 -20.13
N ALA A 260 -27.89 0.88 -19.55
CA ALA A 260 -29.10 1.18 -18.77
C ALA A 260 -29.68 2.53 -19.14
N GLU A 261 -31.00 2.63 -19.10
CA GLU A 261 -31.67 3.89 -19.44
C GLU A 261 -31.66 4.88 -18.28
N ASP A 262 -31.63 4.34 -17.08
CA ASP A 262 -31.82 5.11 -15.85
C ASP A 262 -30.66 4.81 -14.91
N VAL A 263 -29.60 5.62 -14.99
CA VAL A 263 -28.40 5.35 -14.20
C VAL A 263 -27.83 6.64 -13.61
N GLU A 264 -27.50 6.58 -12.31
CA GLU A 264 -26.73 7.66 -11.70
C GLU A 264 -25.43 7.04 -11.16
N GLY A 265 -24.33 7.77 -11.30
CA GLY A 265 -23.05 7.21 -10.92
C GLY A 265 -22.34 8.09 -9.92
N HIS A 266 -21.47 7.48 -9.12
CA HIS A 266 -20.63 8.22 -8.19
C HIS A 266 -19.21 7.69 -8.23
N VAL A 267 -18.26 8.62 -8.16
CA VAL A 267 -16.87 8.26 -8.05
C VAL A 267 -16.43 8.72 -6.66
N LEU A 268 -15.95 7.79 -5.85
CA LEU A 268 -15.63 8.09 -4.45
C LEU A 268 -14.15 8.42 -4.32
N PRO A 269 -13.84 9.66 -3.91
CA PRO A 269 -12.44 10.10 -3.81
C PRO A 269 -11.74 9.41 -2.66
N GLY A 270 -10.45 9.15 -2.81
CA GLY A 270 -9.67 8.52 -1.76
C GLY A 270 -10.02 7.07 -1.56
N CYS A 271 -10.78 6.50 -2.51
CA CYS A 271 -11.15 5.09 -2.42
C CYS A 271 -10.75 4.38 -3.70
N GLY A 272 -10.25 3.16 -3.55
CA GLY A 272 -9.84 2.38 -4.70
C GLY A 272 -10.90 1.35 -5.05
N HIS A 273 -10.46 0.13 -5.28
CA HIS A 273 -11.36 -0.95 -5.73
C HIS A 273 -12.31 -1.48 -4.64
N TRP A 274 -11.87 -1.49 -3.39
CA TRP A 274 -12.56 -2.23 -2.33
C TRP A 274 -13.47 -1.31 -1.53
N LEU A 275 -14.50 -0.76 -2.20
CA LEU A 275 -15.36 0.27 -1.61
C LEU A 275 -15.97 -0.06 -0.23
N PRO A 276 -16.51 -1.27 -0.06
CA PRO A 276 -17.15 -1.54 1.24
C PRO A 276 -16.19 -1.42 2.44
N GLU A 277 -14.92 -1.73 2.24
CA GLU A 277 -13.95 -1.66 3.34
C GLU A 277 -13.18 -0.35 3.36
N GLU A 278 -12.75 0.12 2.20
CA GLU A 278 -11.94 1.34 2.14
C GLU A 278 -12.77 2.58 2.46
N CYS A 279 -14.02 2.58 2.04
CA CYS A 279 -14.84 3.77 2.18
C CYS A 279 -16.24 3.40 2.67
N ALA A 280 -16.29 2.70 3.80
CA ALA A 280 -17.52 2.14 4.38
C ALA A 280 -18.63 3.16 4.58
N ALA A 281 -18.30 4.28 5.21
CA ALA A 281 -19.33 5.25 5.51
C ALA A 281 -19.99 5.83 4.25
N PRO A 282 -19.20 6.37 3.31
CA PRO A 282 -19.92 6.94 2.15
C PRO A 282 -20.59 5.88 1.29
N MET A 283 -19.95 4.72 1.10
CA MET A 283 -20.55 3.69 0.27
C MET A 283 -21.85 3.16 0.87
N ASN A 284 -21.82 2.84 2.16
CA ASN A 284 -23.02 2.32 2.82
C ASN A 284 -24.16 3.31 2.70
N ARG A 285 -23.86 4.58 2.96
CA ARG A 285 -24.85 5.65 2.85
C ARG A 285 -25.44 5.74 1.44
N LEU A 286 -24.59 5.70 0.42
CA LEU A 286 -25.07 5.82 -0.95
C LEU A 286 -25.97 4.64 -1.30
N VAL A 287 -25.57 3.44 -0.87
CA VAL A 287 -26.34 2.24 -1.17
C VAL A 287 -27.70 2.22 -0.47
N ILE A 288 -27.68 2.46 0.84
CA ILE A 288 -28.90 2.51 1.64
C ILE A 288 -29.89 3.56 1.11
N ASP A 289 -29.40 4.75 0.80
CA ASP A 289 -30.25 5.85 0.31
C ASP A 289 -30.87 5.49 -1.04
N PHE A 290 -30.08 4.88 -1.91
CA PHE A 290 -30.56 4.52 -3.24
C PHE A 290 -31.65 3.46 -3.17
N LEU A 291 -31.39 2.40 -2.38
CA LEU A 291 -32.36 1.33 -2.22
C LEU A 291 -33.59 1.79 -1.44
N SER A 292 -33.41 2.76 -0.56
CA SER A 292 -34.52 3.25 0.27
C SER A 292 -35.47 4.20 -0.46
N ARG A 293 -35.15 4.55 -1.70
CA ARG A 293 -36.08 5.30 -2.54
C ARG A 293 -37.29 4.45 -2.94
N GLY A 294 -37.11 3.14 -2.99
CA GLY A 294 -38.20 2.21 -3.27
C GLY A 294 -38.90 1.69 -2.01
N ARG A 295 -39.76 0.69 -2.17
CA ARG A 295 -40.46 0.07 -1.04
C ARG A 295 -39.49 -0.60 -0.08
N HIS A 296 -39.70 -0.42 1.22
CA HIS A 296 -38.83 -1.03 2.23
C HIS A 296 -39.47 -1.07 3.62
N HIS A 297 -38.72 -1.66 4.56
CA HIS A 297 -39.02 -1.59 6.00
C HIS A 297 -40.25 -2.39 6.41
N ALA B 1 31.85 -24.08 -13.06
CA ALA B 1 31.52 -24.79 -14.29
C ALA B 1 30.61 -23.96 -15.17
N GLU B 2 30.59 -24.31 -16.45
CA GLU B 2 29.79 -23.58 -17.42
C GLU B 2 28.33 -24.00 -17.33
N GLU B 3 27.43 -23.02 -17.43
CA GLU B 3 26.00 -23.28 -17.41
C GLU B 3 25.53 -23.86 -18.75
N PHE B 4 26.24 -23.52 -19.83
CA PHE B 4 25.89 -23.98 -21.17
C PHE B 4 27.12 -24.44 -21.93
N PRO B 5 26.95 -25.41 -22.84
CA PRO B 5 28.09 -25.92 -23.62
C PRO B 5 28.67 -24.86 -24.55
N VAL B 6 29.99 -24.68 -24.52
CA VAL B 6 30.66 -23.70 -25.37
C VAL B 6 30.98 -24.32 -26.74
N PRO B 7 30.64 -23.62 -27.84
CA PRO B 7 30.94 -24.20 -29.15
C PRO B 7 32.45 -24.30 -29.37
N ASN B 8 32.88 -25.32 -30.09
CA ASN B 8 34.29 -25.52 -30.37
C ASN B 8 34.89 -24.29 -31.05
N GLY B 9 36.08 -23.91 -30.61
CA GLY B 9 36.74 -22.71 -31.12
C GLY B 9 36.39 -21.41 -30.41
N PHE B 10 35.51 -21.48 -29.42
CA PHE B 10 35.16 -20.31 -28.63
C PHE B 10 35.70 -20.45 -27.23
N GLU B 11 35.81 -19.32 -26.52
CA GLU B 11 36.20 -19.37 -25.12
C GLU B 11 35.17 -18.67 -24.24
N SER B 12 34.93 -19.24 -23.07
CA SER B 12 34.12 -18.60 -22.06
C SER B 12 35.09 -17.85 -21.18
N ALA B 13 34.81 -16.56 -20.96
CA ALA B 13 35.75 -15.70 -20.27
C ALA B 13 35.02 -14.57 -19.54
N TYR B 14 35.78 -13.78 -18.78
CA TYR B 14 35.22 -12.72 -17.95
C TYR B 14 36.07 -11.45 -18.05
N ARG B 15 35.41 -10.30 -18.03
CA ARG B 15 36.11 -9.03 -17.88
C ARG B 15 35.37 -8.20 -16.83
N GLU B 16 36.14 -7.47 -16.03
CA GLU B 16 35.57 -6.53 -15.09
C GLU B 16 35.29 -5.26 -15.85
N VAL B 17 34.07 -4.75 -15.75
CA VAL B 17 33.72 -3.47 -16.35
C VAL B 17 33.04 -2.67 -15.26
N ASP B 18 33.57 -1.49 -14.95
CA ASP B 18 33.05 -0.66 -13.88
C ASP B 18 32.76 -1.43 -12.59
N GLY B 19 33.67 -2.32 -12.20
CA GLY B 19 33.53 -3.07 -10.96
C GLY B 19 32.62 -4.27 -11.04
N VAL B 20 32.08 -4.54 -12.23
CA VAL B 20 31.16 -5.66 -12.42
C VAL B 20 31.80 -6.72 -13.33
N LYS B 21 31.95 -7.94 -12.83
CA LYS B 21 32.56 -9.00 -13.60
C LYS B 21 31.54 -9.58 -14.58
N LEU B 22 31.74 -9.31 -15.87
CA LEU B 22 30.82 -9.78 -16.90
C LEU B 22 31.32 -11.06 -17.55
N HIS B 23 30.41 -11.99 -17.81
CA HIS B 23 30.77 -13.21 -18.53
C HIS B 23 30.45 -13.07 -20.02
N TYR B 24 31.26 -13.71 -20.86
CA TYR B 24 30.97 -13.72 -22.29
C TYR B 24 31.58 -14.95 -22.95
N VAL B 25 31.09 -15.28 -24.13
CA VAL B 25 31.72 -16.32 -24.93
C VAL B 25 32.20 -15.67 -26.21
N LYS B 26 33.44 -15.94 -26.59
CA LYS B 26 34.07 -15.21 -27.67
C LYS B 26 34.84 -16.12 -28.63
N GLY B 27 34.74 -15.79 -29.92
CA GLY B 27 35.57 -16.44 -30.95
C GLY B 27 35.56 -15.71 -32.27
N GLY B 28 36.37 -16.19 -33.21
CA GLY B 28 36.42 -15.62 -34.54
C GLY B 28 37.57 -14.65 -34.75
N GLN B 29 37.64 -14.08 -35.95
CA GLN B 29 38.66 -13.11 -36.29
C GLN B 29 38.00 -12.07 -37.16
N GLY B 30 38.49 -10.83 -37.07
CA GLY B 30 37.96 -9.76 -37.90
C GLY B 30 37.25 -8.72 -37.06
N PRO B 31 36.47 -7.85 -37.71
CA PRO B 31 35.77 -6.78 -37.01
C PRO B 31 34.77 -7.36 -36.02
N LEU B 32 34.49 -6.61 -34.96
CA LEU B 32 33.73 -7.13 -33.83
C LEU B 32 32.24 -7.07 -34.04
N VAL B 33 31.56 -8.17 -33.73
CA VAL B 33 30.10 -8.20 -33.59
C VAL B 33 29.75 -8.65 -32.16
N MET B 34 28.95 -7.85 -31.47
CA MET B 34 28.43 -8.23 -30.15
C MET B 34 26.97 -8.68 -30.28
N LEU B 35 26.66 -9.84 -29.68
CA LEU B 35 25.32 -10.40 -29.72
C LEU B 35 24.77 -10.36 -28.30
N VAL B 36 23.62 -9.71 -28.12
CA VAL B 36 23.05 -9.53 -26.77
C VAL B 36 21.67 -10.20 -26.63
N HIS B 37 21.60 -11.19 -25.74
CA HIS B 37 20.41 -11.98 -25.48
C HIS B 37 19.38 -11.19 -24.68
N GLY B 38 18.25 -11.81 -24.39
CA GLY B 38 17.24 -11.17 -23.56
C GLY B 38 16.73 -12.06 -22.43
N PHE B 39 15.49 -11.77 -22.00
CA PHE B 39 14.91 -12.43 -20.83
C PHE B 39 14.72 -13.93 -21.02
N GLY B 40 14.91 -14.67 -19.93
CA GLY B 40 14.69 -16.11 -19.92
C GLY B 40 15.87 -16.88 -20.49
N GLN B 41 16.85 -16.15 -21.01
CA GLN B 41 17.95 -16.77 -21.74
C GLN B 41 19.28 -16.17 -21.37
N THR B 42 20.32 -16.57 -22.10
CA THR B 42 21.68 -16.14 -21.85
C THR B 42 22.38 -16.10 -23.20
N TRP B 43 23.70 -15.92 -23.18
CA TRP B 43 24.53 -15.93 -24.39
C TRP B 43 24.23 -17.13 -25.29
N TYR B 44 23.79 -18.21 -24.67
CA TYR B 44 23.65 -19.49 -25.38
C TYR B 44 22.58 -19.47 -26.49
N GLU B 45 21.63 -18.55 -26.42
CA GLU B 45 20.63 -18.49 -27.51
C GLU B 45 21.31 -18.17 -28.85
N TRP B 46 22.49 -17.56 -28.80
CA TRP B 46 23.23 -17.25 -30.02
C TRP B 46 24.19 -18.37 -30.49
N HIS B 47 24.15 -19.53 -29.84
CA HIS B 47 25.19 -20.53 -30.06
C HIS B 47 25.21 -21.17 -31.45
N GLN B 48 24.08 -21.09 -32.15
CA GLN B 48 23.99 -21.57 -33.51
C GLN B 48 24.48 -20.51 -34.52
N LEU B 49 24.23 -19.24 -34.20
CA LEU B 49 24.68 -18.14 -35.05
C LEU B 49 26.18 -17.96 -34.96
N MET B 50 26.72 -18.09 -33.76
CA MET B 50 28.13 -17.78 -33.47
C MET B 50 29.18 -18.42 -34.38
N PRO B 51 29.13 -19.75 -34.60
CA PRO B 51 30.17 -20.39 -35.42
C PRO B 51 30.16 -19.91 -36.88
N GLU B 52 28.96 -19.66 -37.40
CA GLU B 52 28.84 -19.16 -38.77
C GLU B 52 29.36 -17.74 -38.86
N LEU B 53 28.93 -16.89 -37.95
CA LEU B 53 29.36 -15.50 -37.94
C LEU B 53 30.86 -15.41 -37.70
N ALA B 54 31.40 -16.36 -36.92
CA ALA B 54 32.83 -16.35 -36.60
C ALA B 54 33.73 -16.58 -37.80
N LYS B 55 33.14 -16.97 -38.93
CA LYS B 55 33.91 -17.13 -40.15
C LYS B 55 34.34 -15.79 -40.76
N ARG B 56 33.67 -14.71 -40.36
CA ARG B 56 33.98 -13.38 -40.92
C ARG B 56 34.22 -12.29 -39.86
N PHE B 57 33.83 -12.56 -38.62
CA PHE B 57 33.93 -11.57 -37.55
C PHE B 57 34.50 -12.17 -36.28
N THR B 58 35.02 -11.31 -35.41
CA THR B 58 35.24 -11.68 -34.02
C THR B 58 33.85 -11.57 -33.39
N VAL B 59 33.41 -12.64 -32.74
CA VAL B 59 32.07 -12.65 -32.14
C VAL B 59 32.15 -12.68 -30.62
N ILE B 60 31.43 -11.76 -29.97
CA ILE B 60 31.32 -11.79 -28.51
C ILE B 60 29.85 -11.82 -28.07
N ALA B 61 29.54 -12.74 -27.17
CA ALA B 61 28.19 -12.86 -26.66
C ALA B 61 28.24 -12.81 -25.13
N PRO B 62 27.86 -11.65 -24.55
CA PRO B 62 27.89 -11.51 -23.09
C PRO B 62 26.60 -11.96 -22.45
N ASP B 63 26.68 -12.38 -21.20
CA ASP B 63 25.49 -12.51 -20.37
C ASP B 63 25.17 -11.11 -19.81
N LEU B 64 23.91 -10.71 -19.91
CA LEU B 64 23.45 -9.44 -19.33
C LEU B 64 23.78 -9.44 -17.85
N PRO B 65 24.07 -8.27 -17.28
CA PRO B 65 24.36 -8.17 -15.84
C PRO B 65 23.30 -8.87 -14.97
N GLY B 66 23.77 -9.71 -14.05
CA GLY B 66 22.88 -10.42 -13.16
C GLY B 66 22.35 -11.72 -13.73
N LEU B 67 22.43 -11.88 -15.06
CA LEU B 67 21.96 -13.10 -15.71
C LEU B 67 23.13 -13.96 -16.17
N GLY B 68 22.83 -15.20 -16.56
CA GLY B 68 23.85 -16.16 -16.92
C GLY B 68 24.91 -16.19 -15.83
N GLN B 69 26.18 -16.03 -16.22
CA GLN B 69 27.28 -15.99 -15.26
C GLN B 69 27.86 -14.59 -15.04
N SER B 70 27.12 -13.55 -15.40
CA SER B 70 27.55 -12.17 -15.14
C SER B 70 27.02 -11.64 -13.80
N GLU B 71 27.84 -10.83 -13.14
CA GLU B 71 27.47 -10.18 -11.90
C GLU B 71 26.41 -9.13 -12.12
N PRO B 72 25.55 -8.92 -11.10
CA PRO B 72 24.55 -7.85 -11.15
C PRO B 72 25.22 -6.50 -11.38
N PRO B 73 24.49 -5.56 -11.99
CA PRO B 73 25.04 -4.22 -12.17
C PRO B 73 25.15 -3.53 -10.82
N LYS B 74 26.16 -2.69 -10.66
CA LYS B 74 26.31 -1.93 -9.41
C LYS B 74 25.58 -0.60 -9.46
N THR B 75 25.24 -0.15 -10.66
CA THR B 75 24.52 1.13 -10.79
C THR B 75 23.01 0.92 -10.73
N GLY B 76 22.48 0.12 -11.64
CA GLY B 76 21.04 -0.10 -11.74
C GLY B 76 20.70 -0.89 -12.98
N TYR B 77 19.41 -1.14 -13.18
CA TYR B 77 18.95 -2.00 -14.27
C TYR B 77 18.25 -1.25 -15.40
N SER B 78 18.20 0.08 -15.33
CA SER B 78 17.64 0.84 -16.44
C SER B 78 18.52 0.70 -17.69
N GLY B 79 17.94 0.93 -18.87
CA GLY B 79 18.66 0.70 -20.10
C GLY B 79 19.90 1.55 -20.20
N GLU B 80 19.82 2.80 -19.75
CA GLU B 80 20.95 3.69 -19.88
C GLU B 80 22.10 3.25 -18.98
N GLN B 81 21.78 2.70 -17.81
CA GLN B 81 22.80 2.21 -16.89
C GLN B 81 23.44 0.91 -17.38
N VAL B 82 22.61 -0.02 -17.84
CA VAL B 82 23.12 -1.31 -18.30
C VAL B 82 23.94 -1.17 -19.59
N ALA B 83 23.48 -0.30 -20.48
CA ALA B 83 24.15 -0.09 -21.76
C ALA B 83 25.62 0.31 -21.58
N VAL B 84 25.92 1.11 -20.56
CA VAL B 84 27.30 1.45 -20.19
C VAL B 84 28.21 0.22 -20.11
N TYR B 85 27.79 -0.79 -19.35
CA TYR B 85 28.56 -2.02 -19.21
C TYR B 85 28.81 -2.70 -20.55
N LEU B 86 27.77 -2.80 -21.38
CA LEU B 86 27.88 -3.49 -22.66
C LEU B 86 28.76 -2.70 -23.65
N HIS B 87 28.62 -1.38 -23.64
CA HIS B 87 29.45 -0.49 -24.47
C HIS B 87 30.92 -0.63 -24.11
N LYS B 88 31.23 -0.48 -22.82
CA LYS B 88 32.62 -0.56 -22.41
C LYS B 88 33.19 -1.94 -22.67
N LEU B 89 32.38 -2.96 -22.48
CA LEU B 89 32.83 -4.32 -22.78
C LEU B 89 33.22 -4.44 -24.25
N ALA B 90 32.34 -3.98 -25.14
CA ALA B 90 32.64 -4.00 -26.58
C ALA B 90 33.91 -3.22 -26.93
N ARG B 91 34.08 -2.07 -26.30
CA ARG B 91 35.25 -1.23 -26.56
C ARG B 91 36.56 -1.82 -26.06
N GLN B 92 36.52 -2.69 -25.06
CA GLN B 92 37.74 -3.38 -24.66
C GLN B 92 38.27 -4.22 -25.82
N PHE B 93 37.38 -4.77 -26.63
CA PHE B 93 37.79 -5.63 -27.75
C PHE B 93 37.83 -4.92 -29.11
N SER B 94 37.17 -3.77 -29.23
CA SER B 94 37.22 -3.02 -30.48
C SER B 94 37.44 -1.55 -30.17
N PRO B 95 38.62 -1.21 -29.61
CA PRO B 95 38.84 0.18 -29.18
C PRO B 95 39.03 1.13 -30.36
N ASP B 96 39.43 0.61 -31.52
CA ASP B 96 39.93 1.46 -32.60
C ASP B 96 38.99 1.52 -33.81
N ARG B 97 37.95 0.70 -33.81
CA ARG B 97 36.99 0.68 -34.91
C ARG B 97 35.57 0.40 -34.42
N PRO B 98 34.56 0.86 -35.19
CA PRO B 98 33.15 0.60 -34.87
C PRO B 98 32.89 -0.92 -34.84
N PHE B 99 31.92 -1.35 -34.04
CA PHE B 99 31.57 -2.75 -34.01
C PHE B 99 30.11 -2.90 -34.38
N ASP B 100 29.71 -4.09 -34.78
CA ASP B 100 28.30 -4.35 -35.08
C ASP B 100 27.57 -4.80 -33.83
N LEU B 101 26.29 -4.47 -33.75
CA LEU B 101 25.49 -4.92 -32.61
C LEU B 101 24.25 -5.67 -33.05
N VAL B 102 24.04 -6.84 -32.46
CA VAL B 102 22.85 -7.63 -32.69
C VAL B 102 22.18 -7.88 -31.34
N ALA B 103 20.92 -7.50 -31.22
CA ALA B 103 20.22 -7.67 -29.94
C ALA B 103 18.83 -8.26 -30.07
N HIS B 104 18.50 -9.13 -29.13
CA HIS B 104 17.20 -9.76 -29.11
C HIS B 104 16.50 -9.46 -27.79
N ASP B 105 15.20 -9.19 -27.84
CA ASP B 105 14.39 -9.12 -26.64
C ASP B 105 14.92 -7.99 -25.76
N ILE B 106 15.05 -8.18 -24.45
CA ILE B 106 15.46 -7.05 -23.61
C ILE B 106 16.91 -6.63 -23.87
N GLY B 107 17.62 -7.41 -24.68
CA GLY B 107 18.94 -6.99 -25.15
C GLY B 107 18.84 -5.64 -25.87
N ILE B 108 17.69 -5.40 -26.50
CA ILE B 108 17.41 -4.11 -27.13
C ILE B 108 17.33 -3.02 -26.06
N TRP B 109 16.57 -3.28 -25.02
CA TRP B 109 16.42 -2.32 -23.93
C TRP B 109 17.75 -1.90 -23.37
N ASN B 110 18.67 -2.87 -23.34
CA ASN B 110 19.93 -2.70 -22.65
C ASN B 110 21.06 -2.26 -23.57
N THR B 111 20.75 -2.00 -24.83
CA THR B 111 21.75 -1.48 -25.76
C THR B 111 21.37 -0.17 -26.44
N TYR B 112 20.08 0.07 -26.61
CA TYR B 112 19.66 1.28 -27.35
C TYR B 112 20.35 2.59 -26.90
N PRO B 113 20.44 2.83 -25.58
CA PRO B 113 21.07 4.09 -25.15
C PRO B 113 22.53 4.21 -25.56
N MET B 114 23.29 3.12 -25.47
CA MET B 114 24.70 3.23 -25.85
C MET B 114 24.84 3.36 -27.36
N VAL B 115 23.90 2.80 -28.11
CA VAL B 115 23.90 2.96 -29.56
C VAL B 115 23.65 4.42 -29.95
N VAL B 116 22.58 4.99 -29.42
CA VAL B 116 22.20 6.33 -29.82
C VAL B 116 23.22 7.35 -29.33
N LYS B 117 23.86 7.08 -28.19
CA LYS B 117 24.81 8.04 -27.63
C LYS B 117 26.23 7.89 -28.18
N ASN B 118 26.53 6.75 -28.79
CA ASN B 118 27.86 6.46 -29.32
C ASN B 118 27.79 5.96 -30.74
N GLN B 119 27.11 6.71 -31.60
CA GLN B 119 26.80 6.24 -32.95
C GLN B 119 28.06 5.96 -33.78
N ALA B 120 29.12 6.72 -33.53
CA ALA B 120 30.37 6.49 -34.23
C ALA B 120 30.98 5.11 -33.91
N ASP B 121 30.57 4.53 -32.79
CA ASP B 121 31.10 3.23 -32.37
C ASP B 121 30.32 2.05 -32.97
N ILE B 122 29.19 2.34 -33.63
CA ILE B 122 28.31 1.28 -34.10
C ILE B 122 28.23 1.26 -35.61
N ALA B 123 28.86 0.26 -36.24
CA ALA B 123 28.84 0.23 -37.70
C ALA B 123 27.45 -0.14 -38.22
N ARG B 124 26.94 -1.29 -37.80
CA ARG B 124 25.62 -1.74 -38.25
C ARG B 124 24.87 -2.31 -37.06
N LEU B 125 23.55 -2.23 -37.11
CA LEU B 125 22.71 -2.58 -35.98
C LEU B 125 21.63 -3.56 -36.43
N VAL B 126 21.48 -4.66 -35.70
CA VAL B 126 20.37 -5.57 -35.91
C VAL B 126 19.56 -5.72 -34.62
N TYR B 127 18.29 -5.40 -34.70
CA TYR B 127 17.41 -5.51 -33.55
C TYR B 127 16.28 -6.49 -33.86
N MET B 128 15.98 -7.38 -32.93
CA MET B 128 14.90 -8.34 -33.18
C MET B 128 14.04 -8.61 -31.97
N GLU B 129 12.72 -8.59 -32.20
CA GLU B 129 11.73 -9.09 -31.25
C GLU B 129 11.79 -8.43 -29.87
N ALA B 130 11.70 -7.10 -29.85
CA ALA B 130 11.34 -6.35 -28.64
C ALA B 130 11.16 -4.90 -29.00
N PRO B 131 10.16 -4.25 -28.38
CA PRO B 131 10.07 -2.81 -28.59
C PRO B 131 11.19 -2.09 -27.87
N ILE B 132 11.70 -1.05 -28.51
CA ILE B 132 12.50 -0.07 -27.79
C ILE B 132 11.54 0.51 -26.76
N PRO B 133 11.95 0.58 -25.48
CA PRO B 133 10.99 1.11 -24.50
C PRO B 133 10.62 2.56 -24.79
N ASP B 134 9.37 2.76 -25.20
CA ASP B 134 8.78 4.09 -25.32
C ASP B 134 7.30 3.97 -25.00
N ALA B 135 6.54 5.04 -25.22
CA ALA B 135 5.14 5.08 -24.81
C ALA B 135 4.26 4.10 -25.59
N ARG B 136 4.82 3.54 -26.67
CA ARG B 136 4.06 2.54 -27.42
C ARG B 136 3.71 1.34 -26.55
N ILE B 137 4.57 1.02 -25.59
CA ILE B 137 4.33 -0.18 -24.80
C ILE B 137 3.08 -0.03 -23.92
N TYR B 138 2.64 1.21 -23.69
CA TYR B 138 1.46 1.45 -22.87
C TYR B 138 0.14 1.17 -23.63
N ARG B 139 0.24 0.86 -24.91
CA ARG B 139 -0.94 0.55 -25.71
C ARG B 139 -1.24 -0.94 -25.76
N PHE B 140 -0.26 -1.76 -25.39
CA PHE B 140 -0.42 -3.21 -25.47
C PHE B 140 -1.54 -3.64 -24.53
N PRO B 141 -2.39 -4.58 -24.97
CA PRO B 141 -3.57 -4.93 -24.17
C PRO B 141 -3.28 -5.92 -23.03
N ALA B 142 -3.93 -5.71 -21.89
CA ALA B 142 -3.85 -6.63 -20.75
C ALA B 142 -4.43 -8.02 -21.05
N PHE B 143 -5.44 -8.05 -21.92
CA PHE B 143 -6.25 -9.25 -22.13
C PHE B 143 -6.84 -9.17 -23.53
N THR B 144 -7.05 -10.32 -24.17
CA THR B 144 -7.48 -10.36 -25.57
C THR B 144 -8.66 -11.31 -25.74
N ALA B 145 -9.36 -11.22 -26.86
CA ALA B 145 -10.50 -12.09 -27.15
C ALA B 145 -10.07 -13.55 -27.31
N GLN B 146 -8.77 -13.80 -27.39
CA GLN B 146 -8.23 -15.16 -27.49
C GLN B 146 -7.67 -15.59 -26.16
N GLY B 147 -7.81 -14.73 -25.15
CA GLY B 147 -7.33 -15.07 -23.83
C GLY B 147 -6.04 -14.38 -23.49
N GLU B 148 -5.11 -15.12 -22.88
CA GLU B 148 -3.87 -14.59 -22.37
C GLU B 148 -3.13 -13.71 -23.39
N SER B 149 -2.85 -12.47 -23.01
CA SER B 149 -2.12 -11.54 -23.87
C SER B 149 -0.61 -11.80 -23.87
N LEU B 150 0.09 -11.13 -24.77
CA LEU B 150 1.52 -11.36 -24.96
C LEU B 150 2.42 -10.65 -23.96
N VAL B 151 1.92 -9.58 -23.34
CA VAL B 151 2.78 -8.77 -22.48
C VAL B 151 2.23 -8.44 -21.09
N TRP B 152 1.24 -9.19 -20.62
CA TRP B 152 0.75 -8.99 -19.26
C TRP B 152 1.87 -9.16 -18.23
N HIS B 153 2.89 -9.92 -18.58
CA HIS B 153 4.01 -10.15 -17.67
C HIS B 153 4.80 -8.87 -17.38
N PHE B 154 4.63 -7.85 -18.21
CA PHE B 154 5.28 -6.56 -17.94
C PHE B 154 4.90 -6.09 -16.55
N SER B 155 3.61 -6.14 -16.23
CA SER B 155 3.10 -5.75 -14.92
C SER B 155 3.45 -6.75 -13.82
N PHE B 156 3.33 -8.03 -14.12
CA PHE B 156 3.72 -9.08 -13.17
C PHE B 156 5.17 -8.89 -12.70
N PHE B 157 6.09 -8.76 -13.66
CA PHE B 157 7.52 -8.60 -13.39
C PHE B 157 7.86 -7.25 -12.75
N ALA B 158 7.12 -6.19 -13.12
CA ALA B 158 7.40 -4.85 -12.60
C ALA B 158 6.84 -4.63 -11.20
N ALA B 159 5.89 -5.47 -10.81
CA ALA B 159 5.22 -5.35 -9.52
C ALA B 159 6.24 -5.38 -8.38
N ASP B 160 5.94 -4.69 -7.28
CA ASP B 160 6.87 -4.67 -6.15
C ASP B 160 6.60 -5.87 -5.24
N ASP B 161 7.03 -5.79 -3.99
CA ASP B 161 6.85 -6.87 -3.03
C ASP B 161 7.54 -8.14 -3.52
N ARG B 162 8.48 -8.01 -4.45
CA ARG B 162 9.07 -9.17 -5.12
C ARG B 162 8.00 -10.19 -5.51
N LEU B 163 6.89 -9.72 -6.07
CA LEU B 163 5.77 -10.61 -6.41
C LEU B 163 6.23 -11.76 -7.29
N ALA B 164 6.94 -11.44 -8.37
CA ALA B 164 7.37 -12.43 -9.36
C ALA B 164 8.35 -13.46 -8.77
N GLU B 165 9.38 -12.99 -8.08
CA GLU B 165 10.33 -13.92 -7.44
C GLU B 165 9.62 -14.84 -6.47
N THR B 166 8.67 -14.29 -5.72
CA THR B 166 8.02 -15.06 -4.68
C THR B 166 7.11 -16.14 -5.26
N LEU B 167 6.35 -15.82 -6.32
CA LEU B 167 5.47 -16.80 -6.93
C LEU B 167 6.24 -17.80 -7.76
N ILE B 168 7.32 -17.35 -8.40
CA ILE B 168 8.07 -18.21 -9.31
C ILE B 168 9.13 -19.10 -8.64
N ALA B 169 9.64 -18.67 -7.49
CA ALA B 169 10.65 -19.47 -6.78
C ALA B 169 10.17 -20.91 -6.54
N GLY B 170 11.02 -21.88 -6.87
CA GLY B 170 10.66 -23.29 -6.78
C GLY B 170 9.85 -23.81 -7.97
N LYS B 171 9.43 -22.89 -8.83
CA LYS B 171 8.67 -23.25 -10.00
C LYS B 171 9.24 -22.57 -11.26
N GLU B 172 10.54 -22.36 -11.23
CA GLU B 172 11.21 -21.62 -12.29
C GLU B 172 11.06 -22.35 -13.63
N ARG B 173 11.27 -23.66 -13.60
CA ARG B 173 11.24 -24.46 -14.82
C ARG B 173 9.83 -24.47 -15.41
N PHE B 174 8.84 -24.65 -14.54
CA PHE B 174 7.45 -24.62 -14.97
C PHE B 174 7.08 -23.26 -15.55
N PHE B 175 7.45 -22.19 -14.88
CA PHE B 175 7.05 -20.87 -15.36
C PHE B 175 7.75 -20.55 -16.69
N LEU B 176 9.03 -20.86 -16.75
CA LEU B 176 9.81 -20.53 -17.93
C LEU B 176 9.29 -21.30 -19.15
N GLU B 177 8.94 -22.57 -18.96
CA GLU B 177 8.42 -23.35 -20.07
C GLU B 177 7.15 -22.71 -20.58
N HIS B 178 6.28 -22.28 -19.67
CA HIS B 178 5.04 -21.65 -20.10
C HIS B 178 5.32 -20.36 -20.83
N PHE B 179 6.23 -19.56 -20.29
CA PHE B 179 6.53 -18.26 -20.89
C PHE B 179 7.15 -18.38 -22.28
N ILE B 180 8.12 -19.26 -22.41
CA ILE B 180 8.76 -19.46 -23.71
C ILE B 180 7.73 -19.98 -24.71
N LYS B 181 7.04 -21.06 -24.36
CA LYS B 181 6.14 -21.69 -25.32
C LYS B 181 4.94 -20.82 -25.70
N SER B 182 4.45 -20.01 -24.75
CA SER B 182 3.31 -19.17 -25.04
C SER B 182 3.72 -18.00 -25.93
N HIS B 183 5.03 -17.78 -26.09
CA HIS B 183 5.52 -16.76 -27.01
C HIS B 183 6.20 -17.35 -28.26
N ALA B 184 5.98 -18.64 -28.48
CA ALA B 184 6.60 -19.36 -29.60
C ALA B 184 5.59 -19.83 -30.62
N SER B 185 6.01 -19.96 -31.87
CA SER B 185 5.25 -20.71 -32.88
C SER B 185 5.82 -22.12 -32.91
N ASN B 186 7.15 -22.18 -32.91
CA ASN B 186 7.83 -23.47 -32.98
C ASN B 186 8.28 -23.89 -31.58
N THR B 187 7.41 -24.63 -30.90
CA THR B 187 7.66 -25.06 -29.53
C THR B 187 8.59 -26.27 -29.44
N GLU B 188 8.61 -27.07 -30.51
CA GLU B 188 9.38 -28.31 -30.54
C GLU B 188 10.89 -28.07 -30.38
N VAL B 189 11.35 -26.86 -30.69
CA VAL B 189 12.77 -26.56 -30.63
C VAL B 189 13.25 -26.46 -29.19
N PHE B 190 12.33 -26.22 -28.26
CA PHE B 190 12.71 -26.16 -26.86
C PHE B 190 12.60 -27.52 -26.21
N SER B 191 13.69 -28.29 -26.30
CA SER B 191 13.74 -29.63 -25.74
C SER B 191 13.74 -29.56 -24.22
N GLU B 192 13.56 -30.70 -23.56
CA GLU B 192 13.61 -30.73 -22.10
C GLU B 192 14.98 -30.31 -21.59
N ARG B 193 16.03 -30.74 -22.28
CA ARG B 193 17.38 -30.38 -21.86
C ARG B 193 17.64 -28.87 -21.99
N LEU B 194 17.21 -28.28 -23.11
CA LEU B 194 17.36 -26.84 -23.30
C LEU B 194 16.61 -26.03 -22.23
N LEU B 195 15.37 -26.41 -21.96
CA LEU B 195 14.57 -25.73 -20.94
C LEU B 195 15.20 -25.91 -19.55
N ASP B 196 15.71 -27.12 -19.27
CA ASP B 196 16.43 -27.40 -18.03
C ASP B 196 17.60 -26.44 -17.83
N LEU B 197 18.40 -26.29 -18.89
CA LEU B 197 19.57 -25.41 -18.86
C LEU B 197 19.19 -23.95 -18.58
N TYR B 198 18.24 -23.43 -19.34
CA TYR B 198 17.79 -22.06 -19.10
C TYR B 198 17.18 -21.89 -17.71
N ALA B 199 16.31 -22.83 -17.31
CA ALA B 199 15.66 -22.69 -16.02
C ALA B 199 16.68 -22.72 -14.88
N ARG B 200 17.67 -23.58 -15.01
CA ARG B 200 18.71 -23.73 -13.98
C ARG B 200 19.44 -22.41 -13.84
N SER B 201 19.70 -21.77 -14.97
CA SER B 201 20.44 -20.52 -14.94
C SER B 201 19.65 -19.38 -14.29
N TYR B 202 18.43 -19.13 -14.78
CA TYR B 202 17.71 -17.96 -14.28
C TYR B 202 17.11 -18.22 -12.89
N ALA B 203 17.20 -19.47 -12.42
CA ALA B 203 16.73 -19.81 -11.08
C ALA B 203 17.72 -19.45 -9.97
N LYS B 204 18.98 -19.19 -10.30
CA LYS B 204 19.91 -18.68 -9.29
C LYS B 204 19.23 -17.43 -8.70
N PRO B 205 19.13 -17.36 -7.36
CA PRO B 205 18.30 -16.30 -6.75
C PRO B 205 18.67 -14.91 -7.22
N HIS B 206 19.96 -14.60 -7.36
CA HIS B 206 20.33 -13.27 -7.85
C HIS B 206 19.94 -13.06 -9.32
N SER B 207 19.85 -14.15 -10.08
CA SER B 207 19.47 -14.08 -11.49
C SER B 207 17.96 -13.98 -11.67
N LEU B 208 17.21 -14.73 -10.87
CA LEU B 208 15.76 -14.58 -10.86
C LEU B 208 15.39 -13.13 -10.50
N ASN B 209 16.04 -12.58 -9.48
CA ASN B 209 15.79 -11.17 -9.15
C ASN B 209 16.26 -10.22 -10.25
N ALA B 210 17.46 -10.45 -10.78
CA ALA B 210 17.97 -9.61 -11.85
C ALA B 210 16.97 -9.52 -13.00
N SER B 211 16.42 -10.68 -13.39
CA SER B 211 15.43 -10.78 -14.46
C SER B 211 14.28 -9.78 -14.32
N PHE B 212 13.73 -9.69 -13.13
CA PHE B 212 12.58 -8.84 -12.92
C PHE B 212 13.00 -7.38 -12.70
N GLU B 213 14.19 -7.19 -12.15
CA GLU B 213 14.69 -5.82 -11.97
C GLU B 213 14.81 -5.04 -13.29
N TYR B 214 15.06 -5.74 -14.41
CA TYR B 214 14.96 -5.10 -15.71
C TYR B 214 13.57 -4.51 -15.96
N TYR B 215 12.53 -5.20 -15.48
CA TYR B 215 11.16 -4.74 -15.71
C TYR B 215 10.75 -3.67 -14.71
N ARG B 216 11.27 -3.78 -13.49
CA ARG B 216 11.01 -2.75 -12.49
C ARG B 216 11.66 -1.44 -12.90
N ALA B 217 12.63 -1.50 -13.81
CA ALA B 217 13.27 -0.29 -14.29
C ALA B 217 12.73 0.14 -15.65
N LEU B 218 11.71 -0.55 -16.13
CA LEU B 218 11.23 -0.30 -17.51
C LEU B 218 10.69 1.12 -17.74
N ASN B 219 9.89 1.61 -16.79
CA ASN B 219 9.34 2.97 -16.91
C ASN B 219 10.46 3.99 -16.90
N GLU B 220 11.47 3.75 -16.08
CA GLU B 220 12.64 4.62 -16.08
C GLU B 220 13.32 4.61 -17.45
N SER B 221 13.41 3.42 -18.06
CA SER B 221 14.00 3.31 -19.39
C SER B 221 13.20 4.10 -20.44
N VAL B 222 11.88 4.00 -20.38
CA VAL B 222 10.99 4.76 -21.26
C VAL B 222 11.25 6.26 -21.12
N ARG B 223 11.38 6.72 -19.88
CA ARG B 223 11.63 8.14 -19.62
C ARG B 223 12.97 8.58 -20.17
N GLN B 224 14.00 7.78 -19.90
CA GLN B 224 15.33 7.99 -20.48
C GLN B 224 15.27 8.07 -22.00
N ASN B 225 14.58 7.10 -22.61
CA ASN B 225 14.55 7.02 -24.06
C ASN B 225 13.79 8.18 -24.70
N ALA B 226 12.84 8.75 -23.98
CA ALA B 226 12.12 9.90 -24.50
C ALA B 226 13.09 11.05 -24.77
N GLU B 227 14.14 11.15 -23.96
CA GLU B 227 15.14 12.20 -24.16
C GLU B 227 16.15 11.77 -25.21
N LEU B 228 16.64 10.55 -25.09
CA LEU B 228 17.61 10.01 -26.04
C LEU B 228 17.13 10.05 -27.49
N ALA B 229 15.85 9.77 -27.70
CA ALA B 229 15.31 9.60 -29.04
C ALA B 229 15.25 10.90 -29.82
N LYS B 230 15.59 12.01 -29.18
CA LYS B 230 15.66 13.27 -29.90
C LYS B 230 16.71 13.20 -31.01
N THR B 231 17.67 12.29 -30.87
CA THR B 231 18.67 12.03 -31.92
C THR B 231 18.38 10.72 -32.65
N ARG B 232 18.09 10.80 -33.94
CA ARG B 232 17.78 9.60 -34.72
C ARG B 232 19.04 8.78 -34.93
N LEU B 233 18.87 7.47 -35.08
CA LEU B 233 20.00 6.60 -35.38
C LEU B 233 20.38 6.76 -36.83
N GLN B 234 21.67 6.88 -37.11
CA GLN B 234 22.11 7.14 -38.47
C GLN B 234 22.78 5.95 -39.15
N MET B 235 23.12 4.92 -38.38
CA MET B 235 23.81 3.75 -38.94
C MET B 235 22.83 2.78 -39.61
N PRO B 236 23.32 1.97 -40.57
CA PRO B 236 22.45 1.00 -41.23
C PRO B 236 21.88 0.01 -40.21
N THR B 237 20.57 -0.15 -40.24
CA THR B 237 19.86 -0.97 -39.26
CA THR B 237 19.90 -1.00 -39.27
C THR B 237 18.95 -1.96 -39.96
N MET B 238 18.85 -3.16 -39.40
CA MET B 238 17.88 -4.14 -39.87
C MET B 238 17.08 -4.65 -38.69
N THR B 239 15.77 -4.78 -38.87
CA THR B 239 14.94 -5.40 -37.86
C THR B 239 14.41 -6.74 -38.34
N LEU B 240 14.25 -7.66 -37.38
CA LEU B 240 13.61 -8.96 -37.63
C LEU B 240 12.51 -9.15 -36.59
N ALA B 241 11.45 -9.82 -36.99
CA ALA B 241 10.32 -10.09 -36.12
C ALA B 241 9.68 -11.35 -36.62
N GLY B 242 9.05 -12.10 -35.71
CA GLY B 242 8.34 -13.31 -36.10
C GLY B 242 6.96 -12.91 -36.57
N GLY B 243 6.48 -13.59 -37.62
CA GLY B 243 5.15 -13.34 -38.13
C GLY B 243 4.14 -14.38 -37.68
N GLY B 244 4.61 -15.35 -36.89
CA GLY B 244 3.75 -16.39 -36.37
C GLY B 244 3.32 -16.07 -34.96
N HIS B 245 2.63 -17.02 -34.34
CA HIS B 245 2.18 -16.87 -32.96
C HIS B 245 3.32 -16.48 -32.02
N GLY B 246 3.07 -15.46 -31.20
CA GLY B 246 4.09 -15.00 -30.28
C GLY B 246 5.01 -13.92 -30.82
N GLY B 247 5.01 -13.73 -32.14
CA GLY B 247 5.91 -12.77 -32.76
C GLY B 247 5.37 -11.34 -32.71
N MET B 248 6.23 -10.35 -33.00
CA MET B 248 5.83 -8.94 -32.99
C MET B 248 5.35 -8.41 -34.35
N GLY B 249 5.63 -9.16 -35.41
CA GLY B 249 5.14 -8.82 -36.72
C GLY B 249 5.63 -7.45 -37.19
N THR B 250 4.71 -6.66 -37.73
CA THR B 250 5.10 -5.42 -38.37
C THR B 250 5.50 -4.33 -37.38
N PHE B 251 5.23 -4.55 -36.10
CA PHE B 251 5.55 -3.54 -35.08
C PHE B 251 7.04 -3.19 -35.06
N GLN B 252 7.89 -4.21 -35.17
CA GLN B 252 9.33 -4.02 -35.01
C GLN B 252 9.88 -2.99 -35.99
N LEU B 253 9.64 -3.19 -37.29
CA LEU B 253 10.07 -2.23 -38.31
C LEU B 253 9.36 -0.88 -38.17
N GLU B 254 8.06 -0.92 -37.95
CA GLU B 254 7.29 0.32 -37.88
C GLU B 254 7.76 1.23 -36.75
N GLN B 255 8.10 0.66 -35.60
CA GLN B 255 8.71 1.43 -34.53
C GLN B 255 10.08 1.97 -34.95
N MET B 256 10.90 1.10 -35.51
CA MET B 256 12.28 1.47 -35.83
C MET B 256 12.34 2.64 -36.84
N LYS B 257 11.36 2.68 -37.73
CA LYS B 257 11.26 3.79 -38.69
C LYS B 257 11.18 5.15 -38.00
N ALA B 258 10.58 5.20 -36.82
CA ALA B 258 10.51 6.45 -36.06
C ALA B 258 11.87 6.78 -35.44
N TYR B 259 12.74 5.77 -35.34
CA TYR B 259 14.03 5.91 -34.65
C TYR B 259 15.25 6.02 -35.57
N ALA B 260 15.16 5.38 -36.72
CA ALA B 260 16.32 5.25 -37.60
C ALA B 260 16.03 5.74 -39.02
N GLU B 261 17.01 6.41 -39.59
CA GLU B 261 16.95 6.94 -40.94
C GLU B 261 17.15 5.87 -42.00
N ASP B 262 17.93 4.85 -41.66
CA ASP B 262 18.37 3.86 -42.63
C ASP B 262 18.07 2.45 -42.11
N VAL B 263 16.83 2.00 -42.35
CA VAL B 263 16.38 0.75 -41.78
C VAL B 263 15.69 -0.12 -42.81
N GLU B 264 16.03 -1.40 -42.79
CA GLU B 264 15.27 -2.38 -43.54
C GLU B 264 14.72 -3.40 -42.55
N GLY B 265 13.60 -4.02 -42.88
CA GLY B 265 13.01 -4.95 -41.94
C GLY B 265 12.46 -6.20 -42.57
N HIS B 266 12.43 -7.29 -41.82
CA HIS B 266 11.79 -8.51 -42.28
C HIS B 266 10.88 -9.09 -41.22
N VAL B 267 9.77 -9.66 -41.67
CA VAL B 267 8.90 -10.45 -40.82
C VAL B 267 9.00 -11.90 -41.30
N LEU B 268 9.27 -12.82 -40.37
CA LEU B 268 9.49 -14.22 -40.68
C LEU B 268 8.25 -15.05 -40.40
N PRO B 269 7.50 -15.40 -41.45
CA PRO B 269 6.27 -16.18 -41.24
C PRO B 269 6.61 -17.53 -40.62
N GLY B 270 5.75 -18.04 -39.74
CA GLY B 270 5.95 -19.33 -39.13
C GLY B 270 6.93 -19.31 -37.97
N CYS B 271 7.29 -18.12 -37.51
CA CYS B 271 8.24 -17.96 -36.41
C CYS B 271 7.66 -17.07 -35.33
N GLY B 272 7.94 -17.40 -34.07
CA GLY B 272 7.47 -16.61 -32.96
C GLY B 272 8.51 -15.63 -32.44
N HIS B 273 8.53 -15.47 -31.13
CA HIS B 273 9.37 -14.48 -30.46
C HIS B 273 10.84 -14.87 -30.40
N TRP B 274 11.11 -16.17 -30.32
CA TRP B 274 12.46 -16.66 -30.03
C TRP B 274 13.21 -16.95 -31.31
N LEU B 275 13.40 -15.92 -32.14
CA LEU B 275 13.94 -16.10 -33.50
C LEU B 275 15.19 -16.97 -33.61
N PRO B 276 16.21 -16.74 -32.76
CA PRO B 276 17.45 -17.50 -32.99
C PRO B 276 17.26 -19.00 -32.82
N GLU B 277 16.32 -19.41 -31.98
CA GLU B 277 16.02 -20.83 -31.78
C GLU B 277 14.90 -21.38 -32.64
N GLU B 278 13.80 -20.64 -32.76
CA GLU B 278 12.68 -21.15 -33.54
C GLU B 278 13.00 -21.17 -35.01
N CYS B 279 13.76 -20.19 -35.48
CA CYS B 279 14.00 -20.04 -36.91
C CYS B 279 15.44 -19.67 -37.20
N ALA B 280 16.35 -20.51 -36.71
CA ALA B 280 17.80 -20.30 -36.80
C ALA B 280 18.30 -20.05 -38.21
N ALA B 281 17.95 -20.92 -39.15
CA ALA B 281 18.52 -20.83 -40.48
C ALA B 281 18.20 -19.55 -41.25
N PRO B 282 16.90 -19.17 -41.37
CA PRO B 282 16.65 -17.89 -42.03
C PRO B 282 17.14 -16.69 -41.21
N MET B 283 17.00 -16.73 -39.89
CA MET B 283 17.50 -15.60 -39.09
C MET B 283 19.01 -15.43 -39.24
N ASN B 284 19.76 -16.51 -39.08
CA ASN B 284 21.21 -16.48 -39.27
C ASN B 284 21.59 -15.93 -40.64
N ARG B 285 20.91 -16.39 -41.68
CA ARG B 285 21.21 -15.97 -43.04
C ARG B 285 20.99 -14.47 -43.20
N LEU B 286 19.87 -13.98 -42.70
CA LEU B 286 19.58 -12.56 -42.82
C LEU B 286 20.58 -11.70 -42.05
N VAL B 287 20.96 -12.15 -40.86
CA VAL B 287 21.93 -11.41 -40.07
C VAL B 287 23.30 -11.42 -40.74
N ILE B 288 23.77 -12.61 -41.11
CA ILE B 288 25.06 -12.75 -41.79
C ILE B 288 25.12 -11.88 -43.04
N ASP B 289 24.12 -11.99 -43.91
CA ASP B 289 24.12 -11.17 -45.14
C ASP B 289 24.12 -9.68 -44.86
N PHE B 290 23.29 -9.23 -43.91
CA PHE B 290 23.19 -7.81 -43.63
C PHE B 290 24.52 -7.27 -43.12
N LEU B 291 25.18 -8.04 -42.27
CA LEU B 291 26.41 -7.59 -41.65
C LEU B 291 27.59 -7.71 -42.62
N SER B 292 27.49 -8.65 -43.55
CA SER B 292 28.60 -8.92 -44.47
C SER B 292 28.63 -7.99 -45.67
N ARG B 293 27.60 -7.17 -45.84
CA ARG B 293 27.57 -6.20 -46.93
C ARG B 293 28.82 -5.33 -46.89
N ALA C 1 33.17 4.17 -0.09
CA ALA C 1 32.00 3.37 0.27
C ALA C 1 30.72 4.18 0.15
N GLU C 2 30.01 4.02 -0.97
CA GLU C 2 28.80 4.77 -1.23
C GLU C 2 27.55 3.99 -0.85
N GLU C 3 26.64 4.65 -0.15
CA GLU C 3 25.38 4.03 0.23
C GLU C 3 24.40 3.92 -0.95
N PHE C 4 24.57 4.78 -1.94
CA PHE C 4 23.70 4.78 -3.13
C PHE C 4 24.53 4.97 -4.39
N PRO C 5 24.13 4.32 -5.49
CA PRO C 5 24.85 4.45 -6.77
C PRO C 5 24.85 5.89 -7.26
N VAL C 6 26.04 6.41 -7.57
CA VAL C 6 26.17 7.78 -8.06
C VAL C 6 25.97 7.78 -9.57
N PRO C 7 25.14 8.69 -10.09
CA PRO C 7 24.90 8.65 -11.53
C PRO C 7 26.15 9.01 -12.34
N ASN C 8 26.14 8.55 -13.59
CA ASN C 8 27.27 8.75 -14.49
C ASN C 8 27.56 10.23 -14.72
N GLY C 9 28.82 10.61 -14.51
CA GLY C 9 29.26 11.98 -14.71
C GLY C 9 29.05 12.86 -13.50
N PHE C 10 28.68 12.24 -12.39
CA PHE C 10 28.52 12.93 -11.12
C PHE C 10 29.59 12.46 -10.15
N GLU C 11 29.92 13.32 -9.18
CA GLU C 11 30.88 12.96 -8.16
C GLU C 11 30.23 12.97 -6.79
N SER C 12 30.59 12.01 -5.97
CA SER C 12 30.23 11.97 -4.57
C SER C 12 31.39 12.60 -3.83
N ALA C 13 31.13 13.64 -3.06
CA ALA C 13 32.22 14.33 -2.40
C ALA C 13 31.80 14.83 -1.03
N TYR C 14 32.71 15.46 -0.30
CA TYR C 14 32.41 15.93 1.04
C TYR C 14 32.93 17.35 1.23
N ARG C 15 32.23 18.14 2.02
CA ARG C 15 32.68 19.46 2.34
C ARG C 15 32.43 19.79 3.81
N GLU C 16 33.48 20.19 4.49
CA GLU C 16 33.40 20.60 5.89
C GLU C 16 32.79 21.99 5.97
N VAL C 17 31.70 22.13 6.72
CA VAL C 17 31.07 23.43 6.93
C VAL C 17 30.83 23.61 8.41
N ASP C 18 31.41 24.66 8.98
CA ASP C 18 31.34 24.91 10.42
C ASP C 18 31.63 23.64 11.23
N GLY C 19 32.67 22.91 10.83
CA GLY C 19 33.08 21.71 11.54
C GLY C 19 32.24 20.47 11.27
N VAL C 20 31.29 20.56 10.36
CA VAL C 20 30.46 19.40 10.01
C VAL C 20 30.75 18.94 8.60
N LYS C 21 31.11 17.67 8.45
CA LYS C 21 31.42 17.13 7.14
C LYS C 21 30.13 16.74 6.43
N LEU C 22 29.75 17.52 5.43
CA LEU C 22 28.52 17.26 4.68
C LEU C 22 28.80 16.45 3.41
N HIS C 23 28.03 15.40 3.18
CA HIS C 23 28.17 14.62 1.95
C HIS C 23 27.28 15.24 0.88
N TYR C 24 27.74 15.25 -0.36
CA TYR C 24 26.91 15.71 -1.47
C TYR C 24 27.29 14.95 -2.73
N VAL C 25 26.39 14.99 -3.71
CA VAL C 25 26.66 14.51 -5.05
C VAL C 25 26.47 15.68 -6.00
N LYS C 26 27.44 15.88 -6.89
CA LYS C 26 27.46 17.07 -7.72
C LYS C 26 27.76 16.72 -9.18
N GLY C 27 27.15 17.46 -10.11
CA GLY C 27 27.42 17.26 -11.52
C GLY C 27 26.83 18.38 -12.36
N GLY C 28 27.25 18.47 -13.62
CA GLY C 28 26.69 19.43 -14.53
C GLY C 28 27.43 20.76 -14.52
N GLN C 29 26.93 21.70 -15.31
CA GLN C 29 27.57 22.99 -15.51
C GLN C 29 26.50 24.07 -15.59
N GLY C 30 26.88 25.30 -15.23
CA GLY C 30 25.97 26.42 -15.28
C GLY C 30 25.63 26.87 -13.88
N PRO C 31 24.63 27.75 -13.76
CA PRO C 31 24.17 28.26 -12.47
C PRO C 31 23.82 27.12 -11.51
N LEU C 32 23.98 27.35 -10.21
CA LEU C 32 23.80 26.30 -9.22
C LEU C 32 22.34 26.06 -8.81
N VAL C 33 21.95 24.78 -8.74
CA VAL C 33 20.71 24.37 -8.11
C VAL C 33 21.03 23.39 -6.99
N MET C 34 20.51 23.63 -5.79
CA MET C 34 20.71 22.70 -4.71
C MET C 34 19.42 21.93 -4.45
N LEU C 35 19.51 20.60 -4.40
CA LEU C 35 18.36 19.76 -4.17
C LEU C 35 18.49 19.14 -2.78
N VAL C 36 17.47 19.34 -1.95
CA VAL C 36 17.56 18.97 -0.54
C VAL C 36 16.48 17.95 -0.19
N HIS C 37 16.91 16.74 0.16
CA HIS C 37 16.01 15.63 0.41
C HIS C 37 15.27 15.75 1.74
N GLY C 38 14.45 14.76 2.04
CA GLY C 38 13.67 14.78 3.27
C GLY C 38 13.82 13.52 4.10
N PHE C 39 12.85 13.31 5.01
CA PHE C 39 12.93 12.21 5.96
C PHE C 39 12.77 10.87 5.29
N GLY C 40 13.55 9.90 5.75
CA GLY C 40 13.46 8.52 5.27
C GLY C 40 14.34 8.32 4.04
N GLN C 41 14.85 9.41 3.50
CA GLN C 41 15.58 9.33 2.25
C GLN C 41 16.90 10.08 2.35
N THR C 42 17.55 10.25 1.21
CA THR C 42 18.85 10.88 1.12
C THR C 42 18.89 11.65 -0.19
N TRP C 43 20.07 12.15 -0.54
CA TRP C 43 20.27 12.75 -1.85
C TRP C 43 19.70 11.88 -2.98
N TYR C 44 19.73 10.56 -2.78
CA TYR C 44 19.39 9.63 -3.84
C TYR C 44 17.97 9.78 -4.37
N GLU C 45 17.05 10.39 -3.60
CA GLU C 45 15.70 10.57 -4.15
C GLU C 45 15.71 11.44 -5.40
N TRP C 46 16.75 12.26 -5.53
CA TRP C 46 16.87 13.16 -6.66
C TRP C 46 17.58 12.54 -7.85
N HIS C 47 17.94 11.25 -7.76
CA HIS C 47 18.89 10.70 -8.72
C HIS C 47 18.38 10.62 -10.17
N GLN C 48 17.06 10.63 -10.36
CA GLN C 48 16.51 10.63 -11.72
C GLN C 48 16.39 12.07 -12.25
N LEU C 49 16.15 13.00 -11.35
CA LEU C 49 16.05 14.39 -11.73
C LEU C 49 17.42 14.96 -12.08
N MET C 50 18.44 14.53 -11.34
CA MET C 50 19.78 15.12 -11.44
C MET C 50 20.44 15.13 -12.84
N PRO C 51 20.42 14.00 -13.57
CA PRO C 51 21.08 14.04 -14.88
C PRO C 51 20.37 15.01 -15.82
N GLU C 52 19.06 15.17 -15.66
CA GLU C 52 18.29 16.03 -16.55
C GLU C 52 18.58 17.51 -16.28
N LEU C 53 18.64 17.87 -15.01
CA LEU C 53 18.96 19.24 -14.60
C LEU C 53 20.39 19.60 -14.94
N ALA C 54 21.27 18.61 -14.92
CA ALA C 54 22.71 18.83 -15.10
C ALA C 54 23.03 19.25 -16.51
N LYS C 55 22.06 19.13 -17.41
CA LYS C 55 22.29 19.54 -18.79
C LYS C 55 22.25 21.06 -18.89
N ARG C 56 21.66 21.69 -17.88
CA ARG C 56 21.48 23.15 -17.90
C ARG C 56 22.03 23.83 -16.64
N PHE C 57 22.26 23.06 -15.58
CA PHE C 57 22.66 23.63 -14.30
C PHE C 57 23.82 22.87 -13.67
N THR C 58 24.56 23.53 -12.77
CA THR C 58 25.41 22.80 -11.86
C THR C 58 24.49 22.32 -10.75
N VAL C 59 24.48 21.02 -10.49
CA VAL C 59 23.56 20.44 -9.52
C VAL C 59 24.29 19.85 -8.32
N ILE C 60 23.87 20.25 -7.12
CA ILE C 60 24.39 19.65 -5.89
CA ILE C 60 24.39 19.64 -5.90
C ILE C 60 23.26 19.09 -5.05
N ALA C 61 23.43 17.87 -4.54
CA ALA C 61 22.43 17.24 -3.72
C ALA C 61 23.07 16.74 -2.45
N PRO C 62 22.98 17.49 -1.36
CA PRO C 62 23.64 17.05 -0.12
C PRO C 62 22.78 16.12 0.72
N ASP C 63 23.42 15.36 1.59
CA ASP C 63 22.70 14.64 2.63
C ASP C 63 22.56 15.59 3.81
N LEU C 64 21.35 15.66 4.38
CA LEU C 64 21.10 16.49 5.55
C LEU C 64 21.98 16.03 6.70
N PRO C 65 22.40 16.96 7.56
CA PRO C 65 23.22 16.61 8.72
C PRO C 65 22.70 15.40 9.48
N GLY C 66 23.55 14.39 9.63
CA GLY C 66 23.21 13.20 10.38
C GLY C 66 22.61 12.10 9.53
N LEU C 67 22.11 12.47 8.35
CA LEU C 67 21.47 11.53 7.45
C LEU C 67 22.40 11.20 6.30
N GLY C 68 22.10 10.11 5.59
CA GLY C 68 22.97 9.62 4.53
C GLY C 68 24.41 9.54 5.02
N GLN C 69 25.30 10.21 4.31
CA GLN C 69 26.72 10.19 4.67
C GLN C 69 27.22 11.49 5.29
N SER C 70 26.30 12.33 5.77
CA SER C 70 26.67 13.59 6.41
C SER C 70 26.75 13.46 7.92
N GLU C 71 27.76 14.11 8.50
CA GLU C 71 27.90 14.18 9.95
C GLU C 71 26.73 14.96 10.55
N PRO C 72 26.36 14.63 11.80
CA PRO C 72 25.31 15.37 12.52
C PRO C 72 25.72 16.83 12.75
N PRO C 73 24.75 17.73 12.94
CA PRO C 73 25.07 19.14 13.17
C PRO C 73 25.76 19.29 14.51
N LYS C 74 26.58 20.32 14.67
CA LYS C 74 27.20 20.58 15.95
C LYS C 74 26.42 21.59 16.78
N THR C 75 25.58 22.38 16.10
CA THR C 75 24.81 23.39 16.80
C THR C 75 23.49 22.80 17.32
N GLY C 76 22.64 22.36 16.40
CA GLY C 76 21.42 21.69 16.76
C GLY C 76 20.61 21.39 15.52
N TYR C 77 19.37 20.95 15.71
CA TYR C 77 18.59 20.43 14.59
C TYR C 77 17.40 21.32 14.22
N SER C 78 17.27 22.47 14.86
CA SER C 78 16.20 23.38 14.47
C SER C 78 16.44 23.86 13.05
N GLY C 79 15.39 24.32 12.39
CA GLY C 79 15.50 24.74 10.99
C GLY C 79 16.55 25.80 10.76
N GLU C 80 16.57 26.80 11.62
CA GLU C 80 17.50 27.91 11.48
C GLU C 80 18.96 27.46 11.65
N GLN C 81 19.19 26.53 12.57
CA GLN C 81 20.53 26.00 12.79
C GLN C 81 21.02 25.21 11.58
N VAL C 82 20.19 24.28 11.11
CA VAL C 82 20.57 23.44 9.98
C VAL C 82 20.69 24.27 8.69
N ALA C 83 19.85 25.29 8.56
CA ALA C 83 19.84 26.07 7.32
C ALA C 83 21.19 26.74 7.07
N VAL C 84 21.86 27.13 8.16
CA VAL C 84 23.20 27.72 8.08
C VAL C 84 24.19 26.81 7.36
N TYR C 85 24.16 25.51 7.67
CA TYR C 85 25.07 24.58 7.01
C TYR C 85 24.79 24.54 5.52
N LEU C 86 23.52 24.47 5.17
CA LEU C 86 23.13 24.29 3.77
C LEU C 86 23.38 25.56 2.95
N HIS C 87 23.14 26.72 3.57
CA HIS C 87 23.40 28.00 2.90
C HIS C 87 24.90 28.17 2.65
N LYS C 88 25.71 27.88 3.66
CA LYS C 88 27.15 27.97 3.48
C LYS C 88 27.65 26.99 2.42
N LEU C 89 27.12 25.76 2.44
CA LEU C 89 27.50 24.79 1.41
C LEU C 89 27.22 25.33 0.01
N ALA C 90 26.00 25.81 -0.21
CA ALA C 90 25.63 26.29 -1.53
C ALA C 90 26.53 27.47 -1.92
N ARG C 91 26.76 28.38 -0.98
CA ARG C 91 27.55 29.57 -1.26
C ARG C 91 29.03 29.29 -1.54
N GLN C 92 29.53 28.15 -1.14
CA GLN C 92 30.84 27.70 -1.55
C GLN C 92 30.90 27.48 -3.04
N PHE C 93 29.83 26.95 -3.59
CA PHE C 93 29.77 26.67 -5.02
C PHE C 93 29.23 27.83 -5.86
N SER C 94 28.39 28.67 -5.26
CA SER C 94 27.88 29.88 -5.94
C SER C 94 28.10 31.11 -5.08
N PRO C 95 29.36 31.53 -4.90
CA PRO C 95 29.66 32.66 -4.04
C PRO C 95 29.31 34.02 -4.66
N ASP C 96 29.29 34.10 -5.99
CA ASP C 96 29.14 35.38 -6.67
C ASP C 96 27.73 35.63 -7.16
N ARG C 97 26.91 34.58 -7.17
CA ARG C 97 25.61 34.65 -7.82
C ARG C 97 24.56 33.87 -7.04
N PRO C 98 23.29 34.27 -7.18
CA PRO C 98 22.21 33.55 -6.49
C PRO C 98 22.06 32.15 -7.07
N PHE C 99 21.55 31.23 -6.26
CA PHE C 99 21.35 29.86 -6.69
C PHE C 99 19.89 29.46 -6.56
N ASP C 100 19.51 28.40 -7.25
CA ASP C 100 18.15 27.86 -7.13
C ASP C 100 18.08 26.82 -6.03
N LEU C 101 16.90 26.70 -5.43
CA LEU C 101 16.69 25.73 -4.36
C LEU C 101 15.44 24.89 -4.62
N VAL C 102 15.61 23.57 -4.52
CA VAL C 102 14.51 22.61 -4.56
C VAL C 102 14.59 21.78 -3.29
N ALA C 103 13.51 21.77 -2.51
CA ALA C 103 13.49 21.00 -1.27
C ALA C 103 12.20 20.18 -1.13
N HIS C 104 12.33 19.03 -0.48
CA HIS C 104 11.24 18.07 -0.30
C HIS C 104 11.13 17.74 1.18
N ASP C 105 9.90 17.71 1.69
CA ASP C 105 9.68 17.22 3.04
C ASP C 105 10.49 18.08 4.03
N ILE C 106 11.23 17.46 4.95
CA ILE C 106 11.95 18.25 5.95
C ILE C 106 13.11 19.05 5.37
N GLY C 107 13.42 18.82 4.08
CA GLY C 107 14.31 19.70 3.35
C GLY C 107 13.78 21.13 3.42
N ILE C 108 12.46 21.26 3.46
CA ILE C 108 11.82 22.56 3.59
C ILE C 108 12.12 23.19 4.95
N TRP C 109 11.94 22.40 6.01
CA TRP C 109 12.17 22.89 7.36
C TRP C 109 13.59 23.41 7.49
N ASN C 110 14.50 22.70 6.83
CA ASN C 110 15.94 22.96 6.98
C ASN C 110 16.50 23.97 6.00
N THR C 111 15.66 24.53 5.13
CA THR C 111 16.11 25.60 4.24
C THR C 111 15.33 26.91 4.33
N TYR C 112 14.05 26.86 4.71
CA TYR C 112 13.26 28.10 4.81
C TYR C 112 13.98 29.28 5.50
N PRO C 113 14.55 29.05 6.70
CA PRO C 113 15.22 30.18 7.35
C PRO C 113 16.36 30.82 6.54
N MET C 114 17.16 30.04 5.82
CA MET C 114 18.24 30.65 5.07
C MET C 114 17.72 31.37 3.82
N VAL C 115 16.58 30.94 3.32
CA VAL C 115 15.92 31.60 2.18
C VAL C 115 15.37 32.97 2.59
N VAL C 116 14.67 33.03 3.71
CA VAL C 116 14.08 34.29 4.15
C VAL C 116 15.13 35.29 4.65
N LYS C 117 16.19 34.78 5.30
CA LYS C 117 17.29 35.63 5.78
C LYS C 117 18.28 36.07 4.70
N ASN C 118 18.30 35.35 3.57
CA ASN C 118 19.24 35.66 2.49
C ASN C 118 18.53 35.64 1.14
N GLN C 119 17.48 36.44 1.02
CA GLN C 119 16.61 36.39 -0.16
C GLN C 119 17.34 36.63 -1.48
N ALA C 120 18.34 37.49 -1.45
CA ALA C 120 19.10 37.81 -2.65
C ALA C 120 20.00 36.67 -3.12
N ASP C 121 20.21 35.67 -2.28
CA ASP C 121 21.04 34.53 -2.67
C ASP C 121 20.22 33.45 -3.38
N ILE C 122 18.89 33.58 -3.32
CA ILE C 122 17.98 32.58 -3.89
C ILE C 122 17.26 33.09 -5.15
N ALA C 123 17.65 32.58 -6.31
CA ALA C 123 17.03 33.01 -7.57
C ALA C 123 15.60 32.49 -7.72
N ARG C 124 15.45 31.17 -7.68
CA ARG C 124 14.13 30.53 -7.79
C ARG C 124 14.01 29.42 -6.74
N LEU C 125 12.79 29.17 -6.29
CA LEU C 125 12.56 28.29 -5.16
C LEU C 125 11.45 27.31 -5.49
N VAL C 126 11.71 26.02 -5.26
CA VAL C 126 10.69 24.98 -5.41
C VAL C 126 10.58 24.21 -4.12
N TYR C 127 9.40 24.23 -3.51
CA TYR C 127 9.15 23.47 -2.30
C TYR C 127 8.08 22.41 -2.57
N MET C 128 8.30 21.18 -2.08
CA MET C 128 7.29 20.15 -2.24
C MET C 128 7.05 19.29 -1.01
N GLU C 129 5.78 19.00 -0.76
CA GLU C 129 5.38 17.96 0.19
C GLU C 129 5.92 18.09 1.61
N ALA C 130 5.65 19.24 2.24
CA ALA C 130 5.78 19.38 3.69
C ALA C 130 5.32 20.74 4.10
N PRO C 131 4.73 20.84 5.30
CA PRO C 131 4.43 22.17 5.79
C PRO C 131 5.72 22.88 6.19
N ILE C 132 5.79 24.17 5.91
CA ILE C 132 6.75 25.03 6.57
C ILE C 132 6.35 24.99 8.03
N PRO C 133 7.33 24.79 8.93
CA PRO C 133 6.92 24.68 10.34
C PRO C 133 6.31 25.98 10.86
N ASP C 134 5.02 25.92 11.17
CA ASP C 134 4.34 26.99 11.88
C ASP C 134 3.13 26.42 12.61
N ALA C 135 2.31 27.29 13.20
CA ALA C 135 1.18 26.89 14.04
C ALA C 135 0.15 26.04 13.32
N ARG C 136 0.15 26.08 11.99
CA ARG C 136 -0.77 25.25 11.24
C ARG C 136 -0.59 23.76 11.56
N ILE C 137 0.63 23.35 11.85
CA ILE C 137 0.89 21.93 12.11
C ILE C 137 0.21 21.42 13.38
N TYR C 138 -0.21 22.35 14.26
CA TYR C 138 -0.88 21.97 15.49
C TYR C 138 -2.35 21.69 15.24
N ARG C 139 -2.79 21.88 13.99
CA ARG C 139 -4.19 21.63 13.63
C ARG C 139 -4.42 20.32 12.87
N PHE C 140 -3.36 19.62 12.47
CA PHE C 140 -3.52 18.34 11.80
CA PHE C 140 -3.52 18.34 11.80
C PHE C 140 -4.04 17.32 12.81
N PRO C 141 -4.93 16.42 12.36
CA PRO C 141 -5.54 15.45 13.28
C PRO C 141 -4.62 14.27 13.62
N ALA C 142 -4.71 13.81 14.86
CA ALA C 142 -4.05 12.57 15.29
C ALA C 142 -4.63 11.32 14.59
N PHE C 143 -5.88 11.40 14.18
CA PHE C 143 -6.60 10.22 13.72
C PHE C 143 -7.71 10.63 12.73
N THR C 144 -7.96 9.82 11.70
CA THR C 144 -8.95 10.21 10.69
C THR C 144 -9.99 9.11 10.50
N ALA C 145 -11.07 9.46 9.81
CA ALA C 145 -12.15 8.51 9.53
C ALA C 145 -11.69 7.39 8.60
N GLN C 146 -10.55 7.60 7.95
CA GLN C 146 -9.96 6.59 7.09
C GLN C 146 -8.96 5.74 7.87
N GLY C 147 -8.57 6.24 9.03
CA GLY C 147 -7.64 5.54 9.90
C GLY C 147 -6.39 6.35 10.17
N GLU C 148 -5.24 5.69 10.05
CA GLU C 148 -3.93 6.30 10.31
C GLU C 148 -3.77 7.65 9.61
N SER C 149 -3.59 8.72 10.40
CA SER C 149 -3.46 10.06 9.86
C SER C 149 -2.06 10.21 9.29
N LEU C 150 -1.79 11.35 8.68
CA LEU C 150 -0.54 11.45 7.94
C LEU C 150 0.64 12.00 8.73
N VAL C 151 0.36 12.64 9.85
CA VAL C 151 1.42 13.28 10.61
C VAL C 151 1.45 12.89 12.07
N TRP C 152 0.88 11.74 12.40
CA TRP C 152 0.86 11.29 13.79
C TRP C 152 2.27 11.00 14.25
N HIS C 153 3.15 10.69 13.29
CA HIS C 153 4.52 10.35 13.61
C HIS C 153 5.28 11.55 14.16
N PHE C 154 4.78 12.77 13.90
CA PHE C 154 5.42 13.95 14.49
C PHE C 154 5.58 13.77 16.00
N SER C 155 4.51 13.36 16.67
CA SER C 155 4.56 13.11 18.10
C SER C 155 5.40 11.89 18.48
N PHE C 156 5.22 10.79 17.75
CA PHE C 156 6.04 9.59 17.92
C PHE C 156 7.51 9.96 17.91
N PHE C 157 7.93 10.65 16.85
CA PHE C 157 9.33 10.99 16.67
C PHE C 157 9.83 12.00 17.69
N ALA C 158 8.95 12.93 18.09
CA ALA C 158 9.32 13.96 19.07
C ALA C 158 9.27 13.48 20.52
N ALA C 159 8.69 12.32 20.75
CA ALA C 159 8.54 11.83 22.11
C ALA C 159 9.89 11.73 22.83
N ASP C 160 9.92 12.10 24.11
CA ASP C 160 11.17 11.99 24.85
CA ASP C 160 11.12 12.00 24.93
C ASP C 160 11.47 10.54 25.22
N ASP C 161 12.53 10.34 25.99
CA ASP C 161 12.99 8.99 26.37
C ASP C 161 13.41 8.15 25.17
N ARG C 162 13.69 8.80 24.04
CA ARG C 162 14.10 8.10 22.82
C ARG C 162 13.10 7.02 22.45
N LEU C 163 11.82 7.34 22.62
CA LEU C 163 10.78 6.37 22.36
C LEU C 163 10.94 5.75 20.96
N ALA C 164 11.09 6.59 19.94
CA ALA C 164 11.10 6.13 18.57
C ALA C 164 12.32 5.26 18.23
N GLU C 165 13.51 5.70 18.65
CA GLU C 165 14.72 4.93 18.37
C GLU C 165 14.66 3.58 19.06
N THR C 166 14.16 3.59 20.29
CA THR C 166 14.13 2.38 21.09
C THR C 166 13.18 1.36 20.43
N LEU C 167 12.05 1.83 19.92
CA LEU C 167 11.10 0.91 19.29
C LEU C 167 11.57 0.47 17.90
N ILE C 168 12.20 1.39 17.17
CA ILE C 168 12.52 1.16 15.77
C ILE C 168 13.83 0.42 15.55
N ALA C 169 14.80 0.60 16.46
CA ALA C 169 16.09 -0.08 16.36
C ALA C 169 15.90 -1.60 16.18
N GLY C 170 16.57 -2.18 15.18
CA GLY C 170 16.38 -3.59 14.89
C GLY C 170 15.27 -3.84 13.87
N LYS C 171 14.39 -2.86 13.69
CA LYS C 171 13.26 -3.02 12.77
C LYS C 171 13.17 -1.85 11.79
N GLU C 172 14.31 -1.23 11.48
CA GLU C 172 14.34 -0.04 10.63
C GLU C 172 13.75 -0.30 9.24
N ARG C 173 14.11 -1.45 8.66
CA ARG C 173 13.70 -1.79 7.31
C ARG C 173 12.18 -2.01 7.24
N PHE C 174 11.66 -2.75 8.21
CA PHE C 174 10.22 -2.91 8.37
C PHE C 174 9.50 -1.58 8.56
N PHE C 175 10.01 -0.74 9.46
CA PHE C 175 9.32 0.51 9.73
C PHE C 175 9.30 1.40 8.50
N LEU C 176 10.44 1.51 7.82
CA LEU C 176 10.55 2.39 6.68
C LEU C 176 9.60 1.97 5.55
N GLU C 177 9.48 0.69 5.30
CA GLU C 177 8.58 0.25 4.25
C GLU C 177 7.15 0.68 4.56
N HIS C 178 6.72 0.46 5.80
CA HIS C 178 5.38 0.89 6.18
C HIS C 178 5.21 2.41 6.06
N PHE C 179 6.16 3.15 6.61
CA PHE C 179 6.05 4.61 6.62
C PHE C 179 5.96 5.12 5.20
N ILE C 180 6.84 4.64 4.35
CA ILE C 180 6.89 5.15 3.00
C ILE C 180 5.60 4.79 2.25
N LYS C 181 5.25 3.51 2.29
CA LYS C 181 4.09 3.05 1.52
C LYS C 181 2.78 3.66 2.04
N SER C 182 2.66 3.81 3.35
CA SER C 182 1.44 4.41 3.90
C SER C 182 1.28 5.88 3.49
N HIS C 183 2.38 6.52 3.09
CA HIS C 183 2.33 7.90 2.59
C HIS C 183 2.39 7.99 1.07
N ALA C 184 2.16 6.87 0.39
CA ALA C 184 2.24 6.83 -1.08
C ALA C 184 0.89 6.51 -1.74
N SER C 185 0.70 7.03 -2.94
CA SER C 185 -0.42 6.62 -3.80
C SER C 185 0.07 5.56 -4.79
N ASN C 186 1.22 5.82 -5.41
CA ASN C 186 1.86 4.84 -6.31
CA ASN C 186 1.86 4.87 -6.32
C ASN C 186 2.89 4.05 -5.53
N THR C 187 2.42 3.12 -4.71
CA THR C 187 3.30 2.35 -3.84
C THR C 187 4.23 1.42 -4.61
N GLU C 188 3.86 1.07 -5.85
CA GLU C 188 4.57 0.04 -6.60
CA GLU C 188 4.61 0.02 -6.53
C GLU C 188 6.03 0.42 -6.94
N VAL C 189 6.35 1.70 -6.88
CA VAL C 189 7.69 2.14 -7.21
C VAL C 189 8.68 1.82 -6.09
N PHE C 190 8.16 1.53 -4.90
CA PHE C 190 9.07 1.20 -3.81
C PHE C 190 9.34 -0.29 -3.74
N SER C 191 10.19 -0.75 -4.67
CA SER C 191 10.62 -2.14 -4.75
C SER C 191 11.36 -2.49 -3.48
N GLU C 192 11.49 -3.78 -3.22
CA GLU C 192 12.24 -4.23 -2.05
C GLU C 192 13.69 -3.75 -2.09
N ARG C 193 14.25 -3.71 -3.30
CA ARG C 193 15.63 -3.31 -3.52
C ARG C 193 15.83 -1.84 -3.15
N LEU C 194 14.93 -0.98 -3.61
CA LEU C 194 14.99 0.43 -3.27
C LEU C 194 14.86 0.65 -1.78
N LEU C 195 13.95 -0.08 -1.15
CA LEU C 195 13.73 0.06 0.29
C LEU C 195 14.92 -0.44 1.09
N ASP C 196 15.56 -1.53 0.63
CA ASP C 196 16.79 -2.01 1.26
C ASP C 196 17.84 -0.88 1.30
N LEU C 197 17.96 -0.15 0.19
CA LEU C 197 18.95 0.93 0.09
C LEU C 197 18.66 2.05 1.09
N TYR C 198 17.43 2.53 1.10
CA TYR C 198 17.11 3.59 2.05
C TYR C 198 17.21 3.14 3.48
N ALA C 199 16.73 1.93 3.77
CA ALA C 199 16.73 1.44 5.15
C ALA C 199 18.15 1.28 5.70
N ARG C 200 19.06 0.77 4.88
CA ARG C 200 20.44 0.56 5.32
C ARG C 200 21.08 1.88 5.73
N SER C 201 20.72 2.96 5.05
CA SER C 201 21.27 4.26 5.37
C SER C 201 20.73 4.78 6.69
N TYR C 202 19.42 4.76 6.88
CA TYR C 202 18.87 5.40 8.06
C TYR C 202 18.95 4.51 9.30
N ALA C 203 19.33 3.25 9.09
CA ALA C 203 19.53 2.32 10.18
C ALA C 203 20.86 2.52 10.91
N LYS C 204 21.78 3.31 10.34
CA LYS C 204 23.00 3.67 11.08
C LYS C 204 22.49 4.34 12.34
N PRO C 205 23.00 3.92 13.52
CA PRO C 205 22.44 4.42 14.78
C PRO C 205 22.44 5.94 14.88
N HIS C 206 23.48 6.61 14.41
CA HIS C 206 23.49 8.07 14.49
C HIS C 206 22.50 8.69 13.50
N SER C 207 22.19 7.98 12.43
CA SER C 207 21.23 8.51 11.45
C SER C 207 19.80 8.30 11.94
N LEU C 208 19.55 7.17 12.59
CA LEU C 208 18.22 6.93 13.13
C LEU C 208 17.91 7.99 14.18
N ASN C 209 18.88 8.26 15.05
CA ASN C 209 18.68 9.32 16.05
C ASN C 209 18.57 10.70 15.42
N ALA C 210 19.42 10.98 14.43
CA ALA C 210 19.38 12.28 13.75
C ALA C 210 18.02 12.55 13.11
N SER C 211 17.44 11.52 12.49
CA SER C 211 16.12 11.60 11.85
C SER C 211 15.12 12.20 12.81
N PHE C 212 15.12 11.71 14.04
CA PHE C 212 14.14 12.09 15.03
C PHE C 212 14.43 13.42 15.70
N GLU C 213 15.72 13.79 15.77
CA GLU C 213 16.08 15.09 16.34
C GLU C 213 15.48 16.25 15.54
N TYR C 214 15.29 16.06 14.23
CA TYR C 214 14.61 17.10 13.45
C TYR C 214 13.21 17.40 13.97
N TYR C 215 12.50 16.34 14.36
CA TYR C 215 11.15 16.46 14.93
C TYR C 215 11.18 16.97 16.36
N ARG C 216 12.23 16.60 17.10
CA ARG C 216 12.41 17.08 18.47
C ARG C 216 12.70 18.59 18.50
N ALA C 217 13.16 19.11 17.37
CA ALA C 217 13.46 20.53 17.22
C ALA C 217 12.31 21.30 16.55
N LEU C 218 11.27 20.56 16.16
CA LEU C 218 10.18 21.14 15.36
C LEU C 218 9.47 22.32 16.05
N ASN C 219 9.21 22.22 17.35
CA ASN C 219 8.58 23.35 18.05
C ASN C 219 9.51 24.56 18.13
N GLU C 220 10.81 24.31 18.27
CA GLU C 220 11.80 25.39 18.18
C GLU C 220 11.72 26.03 16.80
N SER C 221 11.68 25.21 15.75
CA SER C 221 11.57 25.71 14.38
C SER C 221 10.33 26.55 14.15
N VAL C 222 9.20 26.09 14.68
CA VAL C 222 7.96 26.87 14.64
C VAL C 222 8.17 28.25 15.27
N ARG C 223 8.79 28.30 16.45
CA ARG C 223 9.03 29.58 17.12
C ARG C 223 10.02 30.47 16.36
N GLN C 224 11.04 29.87 15.75
CA GLN C 224 11.95 30.64 14.91
C GLN C 224 11.22 31.27 13.71
N ASN C 225 10.41 30.46 13.03
CA ASN C 225 9.74 30.92 11.81
C ASN C 225 8.69 32.00 12.06
N ALA C 226 8.10 32.00 13.25
CA ALA C 226 7.09 33.02 13.60
C ALA C 226 7.70 34.41 13.48
N GLU C 227 8.96 34.54 13.90
CA GLU C 227 9.72 35.78 13.77
C GLU C 227 10.16 36.03 12.33
N LEU C 228 10.71 35.00 11.70
CA LEU C 228 11.24 35.15 10.35
C LEU C 228 10.17 35.47 9.31
N ALA C 229 8.98 34.91 9.49
CA ALA C 229 7.92 35.06 8.49
C ALA C 229 7.27 36.45 8.45
N LYS C 230 7.80 37.37 9.26
CA LYS C 230 7.32 38.76 9.22
C LYS C 230 7.69 39.44 7.90
N THR C 231 8.55 38.79 7.12
CA THR C 231 8.90 39.25 5.77
C THR C 231 8.54 38.16 4.76
N ARG C 232 7.74 38.50 3.75
CA ARG C 232 7.38 37.56 2.69
C ARG C 232 8.52 37.35 1.70
N LEU C 233 8.60 36.15 1.15
CA LEU C 233 9.57 35.82 0.10
C LEU C 233 9.18 36.55 -1.20
N GLN C 234 10.17 37.11 -1.88
CA GLN C 234 9.92 37.91 -3.09
C GLN C 234 10.32 37.23 -4.40
N MET C 235 11.04 36.13 -4.32
CA MET C 235 11.53 35.46 -5.52
C MET C 235 10.48 34.49 -6.07
N PRO C 236 10.57 34.16 -7.37
CA PRO C 236 9.64 33.19 -7.95
C PRO C 236 9.67 31.88 -7.19
N THR C 237 8.51 31.42 -6.75
CA THR C 237 8.42 30.12 -6.09
C THR C 237 7.38 29.22 -6.76
N MET C 238 7.60 27.92 -6.65
CA MET C 238 6.63 26.93 -7.09
C MET C 238 6.47 25.90 -6.00
N THR C 239 5.24 25.51 -5.71
CA THR C 239 4.99 24.40 -4.81
C THR C 239 4.43 23.23 -5.58
N LEU C 240 4.79 22.03 -5.14
CA LEU C 240 4.22 20.81 -5.66
C LEU C 240 3.68 19.99 -4.50
N ALA C 241 2.60 19.26 -4.74
CA ALA C 241 2.08 18.39 -3.70
C ALA C 241 1.37 17.25 -4.37
N GLY C 242 1.28 16.12 -3.68
CA GLY C 242 0.53 14.99 -4.18
C GLY C 242 -0.95 15.16 -3.93
N GLY C 243 -1.76 14.82 -4.94
CA GLY C 243 -3.21 14.80 -4.80
C GLY C 243 -3.78 13.46 -4.39
N GLY C 244 -2.94 12.42 -4.42
CA GLY C 244 -3.38 11.09 -4.06
C GLY C 244 -3.10 10.79 -2.60
N HIS C 245 -3.35 9.53 -2.21
CA HIS C 245 -3.14 9.08 -0.84
C HIS C 245 -1.75 9.45 -0.34
N GLY C 246 -1.72 10.09 0.83
CA GLY C 246 -0.46 10.44 1.46
C GLY C 246 0.07 11.80 1.08
N GLY C 247 -0.54 12.45 0.09
CA GLY C 247 -0.08 13.77 -0.32
C GLY C 247 -0.70 14.88 0.50
N MET C 248 -0.13 16.08 0.40
CA MET C 248 -0.59 17.26 1.14
CA MET C 248 -0.69 17.18 1.17
C MET C 248 -1.73 18.00 0.43
N GLY C 249 -1.96 17.68 -0.84
CA GLY C 249 -3.00 18.35 -1.61
C GLY C 249 -2.90 19.87 -1.62
N THR C 250 -4.03 20.53 -1.46
CA THR C 250 -4.06 21.99 -1.59
C THR C 250 -3.37 22.73 -0.43
N PHE C 251 -3.02 22.01 0.63
CA PHE C 251 -2.37 22.66 1.77
C PHE C 251 -1.08 23.38 1.36
N GLN C 252 -0.27 22.73 0.54
CA GLN C 252 1.07 23.22 0.22
C GLN C 252 1.01 24.62 -0.33
N LEU C 253 0.23 24.81 -1.39
CA LEU C 253 0.07 26.10 -2.02
C LEU C 253 -0.60 27.12 -1.09
N GLU C 254 -1.67 26.70 -0.43
CA GLU C 254 -2.40 27.62 0.43
C GLU C 254 -1.54 28.16 1.57
N GLN C 255 -0.73 27.30 2.18
CA GLN C 255 0.20 27.77 3.21
C GLN C 255 1.24 28.70 2.62
N MET C 256 1.77 28.32 1.47
CA MET C 256 2.84 29.08 0.82
C MET C 256 2.43 30.51 0.45
N LYS C 257 1.15 30.68 0.13
CA LYS C 257 0.67 31.99 -0.25
C LYS C 257 0.86 32.98 0.89
N ALA C 258 0.83 32.48 2.13
CA ALA C 258 1.02 33.36 3.27
C ALA C 258 2.48 33.76 3.40
N TYR C 259 3.36 33.00 2.75
CA TYR C 259 4.81 33.17 2.92
C TYR C 259 5.49 33.86 1.75
N ALA C 260 4.87 33.82 0.56
CA ALA C 260 5.54 34.23 -0.67
C ALA C 260 4.64 35.09 -1.55
N GLU C 261 5.22 36.09 -2.20
CA GLU C 261 4.45 37.01 -3.05
C GLU C 261 4.17 36.41 -4.41
N ASP C 262 5.08 35.56 -4.87
CA ASP C 262 5.09 35.09 -6.23
C ASP C 262 5.14 33.56 -6.21
N VAL C 263 3.97 32.91 -6.19
CA VAL C 263 3.91 31.46 -6.05
C VAL C 263 2.94 30.79 -7.01
N GLU C 264 3.42 29.79 -7.74
CA GLU C 264 2.56 28.96 -8.57
C GLU C 264 2.52 27.59 -7.92
N GLY C 265 1.34 26.98 -7.90
CA GLY C 265 1.17 25.73 -7.18
C GLY C 265 0.65 24.65 -8.09
N HIS C 266 1.08 23.42 -7.85
CA HIS C 266 0.57 22.25 -8.54
C HIS C 266 0.26 21.12 -7.58
N VAL C 267 -0.90 20.50 -7.79
CA VAL C 267 -1.24 19.27 -7.10
C VAL C 267 -1.19 18.15 -8.12
N LEU C 268 -0.44 17.08 -7.83
CA LEU C 268 -0.26 16.03 -8.82
C LEU C 268 -1.19 14.83 -8.56
N PRO C 269 -2.14 14.61 -9.46
CA PRO C 269 -3.12 13.52 -9.30
C PRO C 269 -2.42 12.17 -9.29
N GLY C 270 -2.92 11.24 -8.48
CA GLY C 270 -2.39 9.89 -8.44
C GLY C 270 -1.02 9.76 -7.81
N CYS C 271 -0.57 10.81 -7.12
CA CYS C 271 0.73 10.81 -6.45
C CYS C 271 0.57 11.17 -4.99
N GLY C 272 1.34 10.49 -4.15
CA GLY C 272 1.32 10.75 -2.73
C GLY C 272 2.43 11.68 -2.32
N HIS C 273 3.13 11.30 -1.25
CA HIS C 273 4.15 12.15 -0.65
C HIS C 273 5.48 12.15 -1.40
N TRP C 274 5.80 11.03 -2.05
CA TRP C 274 7.14 10.80 -2.58
C TRP C 274 7.20 11.13 -4.06
N LEU C 275 7.01 12.41 -4.37
CA LEU C 275 6.86 12.88 -5.76
C LEU C 275 7.98 12.46 -6.72
N PRO C 276 9.28 12.58 -6.31
CA PRO C 276 10.36 12.23 -7.24
C PRO C 276 10.29 10.78 -7.76
N GLU C 277 9.74 9.90 -6.94
CA GLU C 277 9.70 8.48 -7.25
C GLU C 277 8.34 8.04 -7.78
N GLU C 278 7.28 8.45 -7.11
CA GLU C 278 5.93 8.05 -7.51
C GLU C 278 5.52 8.68 -8.83
N CYS C 279 6.01 9.90 -9.07
CA CYS C 279 5.56 10.67 -10.23
C CYS C 279 6.72 11.42 -10.90
N ALA C 280 7.78 10.68 -11.20
CA ALA C 280 9.00 11.19 -11.82
C ALA C 280 8.76 12.05 -13.08
N ALA C 281 8.00 11.53 -14.03
CA ALA C 281 7.81 12.29 -15.27
C ALA C 281 7.16 13.66 -15.09
N PRO C 282 5.99 13.75 -14.42
CA PRO C 282 5.42 15.10 -14.33
C PRO C 282 6.17 16.00 -13.36
N MET C 283 6.76 15.43 -12.31
CA MET C 283 7.48 16.26 -11.35
C MET C 283 8.76 16.81 -11.97
N ASN C 284 9.54 15.93 -12.57
CA ASN C 284 10.76 16.37 -13.23
C ASN C 284 10.48 17.46 -14.24
N ARG C 285 9.41 17.28 -15.01
CA ARG C 285 9.04 18.27 -16.04
C ARG C 285 8.70 19.62 -15.41
N LEU C 286 7.89 19.61 -14.35
CA LEU C 286 7.47 20.85 -13.72
C LEU C 286 8.67 21.58 -13.15
N VAL C 287 9.55 20.81 -12.52
CA VAL C 287 10.73 21.38 -11.88
C VAL C 287 11.69 21.97 -12.90
N ILE C 288 11.97 21.20 -13.97
CA ILE C 288 12.84 21.67 -15.04
C ILE C 288 12.26 22.91 -15.75
N ASP C 289 10.99 22.85 -16.13
CA ASP C 289 10.36 23.98 -16.79
C ASP C 289 10.44 25.23 -15.91
N PHE C 290 10.15 25.08 -14.62
CA PHE C 290 10.10 26.23 -13.73
C PHE C 290 11.47 26.87 -13.55
N LEU C 291 12.51 26.06 -13.35
CA LEU C 291 13.84 26.62 -13.19
C LEU C 291 14.40 27.16 -14.50
N SER C 292 13.99 26.57 -15.62
CA SER C 292 14.52 26.97 -16.93
C SER C 292 13.96 28.29 -17.48
N ARG C 293 12.98 28.86 -16.77
CA ARG C 293 12.46 30.17 -17.16
C ARG C 293 13.49 31.27 -16.97
N ALA D 1 -2.06 -20.12 38.24
CA ALA D 1 -1.34 -18.85 38.30
C ALA D 1 -2.26 -17.67 37.97
N GLU D 2 -2.04 -16.55 38.65
CA GLU D 2 -2.77 -15.32 38.37
C GLU D 2 -1.79 -14.28 37.91
N GLU D 3 -2.19 -13.46 36.94
CA GLU D 3 -1.32 -12.37 36.49
C GLU D 3 -1.23 -11.26 37.54
N PHE D 4 -2.26 -11.15 38.39
CA PHE D 4 -2.29 -10.07 39.39
C PHE D 4 -2.82 -10.63 40.69
N PRO D 5 -2.38 -10.06 41.82
CA PRO D 5 -2.87 -10.54 43.12
C PRO D 5 -4.35 -10.24 43.31
N VAL D 6 -5.12 -11.28 43.67
CA VAL D 6 -6.56 -11.17 43.93
C VAL D 6 -6.78 -10.67 45.36
N PRO D 7 -7.66 -9.65 45.54
CA PRO D 7 -7.87 -9.13 46.90
C PRO D 7 -8.52 -10.21 47.75
N ASN D 8 -8.30 -10.13 49.07
CA ASN D 8 -8.83 -11.13 49.97
C ASN D 8 -10.36 -11.14 49.93
N GLY D 9 -10.94 -12.33 49.89
CA GLY D 9 -12.38 -12.48 49.84
C GLY D 9 -12.96 -12.38 48.44
N PHE D 10 -12.10 -12.26 47.44
CA PHE D 10 -12.56 -12.26 46.05
C PHE D 10 -12.15 -13.56 45.39
N GLU D 11 -12.87 -13.94 44.33
CA GLU D 11 -12.51 -15.12 43.56
C GLU D 11 -12.14 -14.74 42.14
N SER D 12 -11.12 -15.42 41.63
CA SER D 12 -10.76 -15.33 40.22
C SER D 12 -11.39 -16.53 39.54
N ALA D 13 -12.13 -16.28 38.47
CA ALA D 13 -12.85 -17.35 37.80
C ALA D 13 -13.12 -17.04 36.33
N TYR D 14 -13.76 -17.99 35.65
CA TYR D 14 -14.00 -17.91 34.22
C TYR D 14 -15.42 -18.32 33.86
N ARG D 15 -16.01 -17.64 32.88
CA ARG D 15 -17.30 -18.06 32.33
C ARG D 15 -17.20 -18.04 30.83
N GLU D 16 -17.85 -19.02 30.19
CA GLU D 16 -18.00 -19.04 28.75
C GLU D 16 -19.12 -18.09 28.37
N VAL D 17 -18.86 -17.20 27.42
CA VAL D 17 -19.90 -16.33 26.90
C VAL D 17 -19.82 -16.34 25.37
N ASP D 18 -20.86 -16.84 24.72
CA ASP D 18 -20.86 -16.96 23.27
C ASP D 18 -19.59 -17.65 22.77
N GLY D 19 -19.12 -18.64 23.52
CA GLY D 19 -17.99 -19.46 23.11
C GLY D 19 -16.62 -18.89 23.42
N VAL D 20 -16.59 -17.77 24.12
CA VAL D 20 -15.35 -17.12 24.50
C VAL D 20 -15.18 -17.17 26.03
N LYS D 21 -14.07 -17.75 26.49
CA LYS D 21 -13.84 -17.86 27.94
C LYS D 21 -13.35 -16.54 28.53
N LEU D 22 -14.22 -15.88 29.28
CA LEU D 22 -13.89 -14.60 29.91
C LEU D 22 -13.39 -14.82 31.31
N HIS D 23 -12.32 -14.13 31.67
CA HIS D 23 -11.82 -14.12 33.04
C HIS D 23 -12.43 -12.93 33.79
N TYR D 24 -12.66 -13.11 35.09
CA TYR D 24 -13.10 -12.00 35.93
C TYR D 24 -12.71 -12.23 37.37
N VAL D 25 -12.77 -11.18 38.17
CA VAL D 25 -12.60 -11.31 39.61
C VAL D 25 -13.87 -10.81 40.28
N LYS D 26 -14.39 -11.60 41.22
CA LYS D 26 -15.70 -11.31 41.79
C LYS D 26 -15.73 -11.41 43.32
N GLY D 27 -16.47 -10.50 43.93
CA GLY D 27 -16.69 -10.51 45.37
C GLY D 27 -17.85 -9.65 45.83
N GLY D 28 -18.23 -9.78 47.10
CA GLY D 28 -19.27 -8.93 47.65
C GLY D 28 -20.64 -9.56 47.65
N GLN D 29 -21.62 -8.83 48.20
CA GLN D 29 -23.00 -9.29 48.25
C GLN D 29 -23.90 -8.15 47.82
N GLY D 30 -25.02 -8.48 47.19
CA GLY D 30 -26.02 -7.49 46.84
C GLY D 30 -26.09 -7.28 45.34
N PRO D 31 -26.71 -6.16 44.92
CA PRO D 31 -26.89 -5.85 43.50
C PRO D 31 -25.54 -5.77 42.78
N LEU D 32 -25.54 -6.08 41.49
CA LEU D 32 -24.30 -6.22 40.75
C LEU D 32 -23.72 -4.88 40.28
N VAL D 33 -22.41 -4.72 40.44
CA VAL D 33 -21.66 -3.68 39.72
C VAL D 33 -20.54 -4.28 38.87
N MET D 34 -20.53 -3.99 37.58
CA MET D 34 -19.45 -4.47 36.75
C MET D 34 -18.49 -3.33 36.48
N LEU D 35 -17.20 -3.60 36.67
CA LEU D 35 -16.15 -2.60 36.46
C LEU D 35 -15.32 -3.03 35.27
N VAL D 36 -15.19 -2.16 34.27
CA VAL D 36 -14.53 -2.54 33.03
C VAL D 36 -13.28 -1.69 32.77
N HIS D 37 -12.13 -2.36 32.69
CA HIS D 37 -10.84 -1.70 32.52
C HIS D 37 -10.63 -1.23 31.09
N GLY D 38 -9.48 -0.62 30.84
CA GLY D 38 -9.14 -0.13 29.51
C GLY D 38 -7.77 -0.57 29.05
N PHE D 39 -7.23 0.16 28.10
CA PHE D 39 -5.97 -0.24 27.46
C PHE D 39 -4.79 -0.20 28.41
N GLY D 40 -3.85 -1.11 28.22
CA GLY D 40 -2.64 -1.14 29.02
C GLY D 40 -2.84 -1.81 30.36
N GLN D 41 -4.11 -2.08 30.69
CA GLN D 41 -4.45 -2.58 32.00
C GLN D 41 -5.35 -3.80 31.96
N THR D 42 -5.82 -4.21 33.14
CA THR D 42 -6.68 -5.38 33.28
C THR D 42 -7.65 -5.08 34.41
N TRP D 43 -8.40 -6.09 34.85
CA TRP D 43 -9.28 -5.98 36.02
C TRP D 43 -8.56 -5.35 37.22
N TYR D 44 -7.25 -5.59 37.30
CA TYR D 44 -6.48 -5.21 38.48
C TYR D 44 -6.47 -3.71 38.78
N GLU D 45 -6.70 -2.86 37.77
CA GLU D 45 -6.76 -1.42 38.03
C GLU D 45 -7.87 -1.10 39.03
N TRP D 46 -8.85 -1.99 39.13
CA TRP D 46 -9.95 -1.81 40.09
C TRP D 46 -9.70 -2.40 41.48
N HIS D 47 -8.51 -2.93 41.75
CA HIS D 47 -8.34 -3.71 42.98
C HIS D 47 -8.47 -2.90 44.26
N GLN D 48 -8.31 -1.59 44.18
CA GLN D 48 -8.45 -0.74 45.35
C GLN D 48 -9.90 -0.35 45.62
N LEU D 49 -10.68 -0.25 44.55
CA LEU D 49 -12.10 0.05 44.66
C LEU D 49 -12.88 -1.17 45.08
N MET D 50 -12.48 -2.33 44.56
CA MET D 50 -13.27 -3.55 44.74
C MET D 50 -13.65 -3.91 46.19
N PRO D 51 -12.69 -3.93 47.13
CA PRO D 51 -13.01 -4.31 48.51
C PRO D 51 -14.00 -3.34 49.16
N GLU D 52 -13.88 -2.06 48.82
CA GLU D 52 -14.73 -1.03 49.43
C GLU D 52 -16.14 -1.11 48.88
N LEU D 53 -16.24 -1.30 47.57
CA LEU D 53 -17.53 -1.38 46.88
C LEU D 53 -18.20 -2.69 47.24
N ALA D 54 -17.41 -3.74 47.46
CA ALA D 54 -17.94 -5.06 47.81
C ALA D 54 -18.66 -5.08 49.16
N LYS D 55 -18.56 -4.00 49.92
CA LYS D 55 -19.27 -3.91 51.19
C LYS D 55 -20.76 -3.66 50.96
N ARG D 56 -21.12 -3.16 49.77
CA ARG D 56 -22.53 -2.83 49.48
C ARG D 56 -23.07 -3.52 48.23
N PHE D 57 -22.18 -4.03 47.38
CA PHE D 57 -22.60 -4.63 46.12
C PHE D 57 -21.87 -5.93 45.85
N THR D 58 -22.43 -6.74 44.96
CA THR D 58 -21.66 -7.80 44.31
C THR D 58 -20.83 -7.09 43.26
N VAL D 59 -19.53 -7.31 43.28
CA VAL D 59 -18.64 -6.62 42.35
C VAL D 59 -17.97 -7.64 41.43
N ILE D 60 -18.06 -7.40 40.13
CA ILE D 60 -17.37 -8.23 39.14
C ILE D 60 -16.50 -7.36 38.24
N ALA D 61 -15.26 -7.79 38.03
CA ALA D 61 -14.30 -7.06 37.18
C ALA D 61 -13.71 -8.01 36.16
N PRO D 62 -14.23 -7.96 34.92
CA PRO D 62 -13.74 -8.86 33.85
C PRO D 62 -12.50 -8.32 33.17
N ASP D 63 -11.71 -9.20 32.57
CA ASP D 63 -10.69 -8.77 31.62
C ASP D 63 -11.35 -8.67 30.25
N LEU D 64 -11.07 -7.59 29.54
CA LEU D 64 -11.60 -7.45 28.19
C LEU D 64 -11.12 -8.61 27.34
N PRO D 65 -11.94 -9.04 26.37
CA PRO D 65 -11.56 -10.13 25.49
C PRO D 65 -10.16 -9.94 24.92
N GLY D 66 -9.35 -10.98 25.04
CA GLY D 66 -8.00 -10.98 24.50
C GLY D 66 -6.99 -10.32 25.43
N LEU D 67 -7.48 -9.59 26.43
CA LEU D 67 -6.59 -8.94 27.40
C LEU D 67 -6.66 -9.67 28.74
N GLY D 68 -5.72 -9.38 29.63
CA GLY D 68 -5.62 -10.10 30.88
C GLY D 68 -5.67 -11.61 30.64
N GLN D 69 -6.60 -12.30 31.31
CA GLN D 69 -6.74 -13.74 31.11
C GLN D 69 -8.00 -14.12 30.34
N SER D 70 -8.61 -13.17 29.66
CA SER D 70 -9.76 -13.46 28.80
C SER D 70 -9.36 -13.85 27.38
N GLU D 71 -10.07 -14.83 26.82
CA GLU D 71 -9.87 -15.30 25.46
C GLU D 71 -10.27 -14.20 24.47
N PRO D 72 -9.59 -14.12 23.32
CA PRO D 72 -9.98 -13.16 22.28
C PRO D 72 -11.44 -13.36 21.85
N PRO D 73 -12.11 -12.27 21.40
CA PRO D 73 -13.47 -12.36 20.90
C PRO D 73 -13.49 -13.22 19.64
N LYS D 74 -14.60 -13.88 19.37
CA LYS D 74 -14.71 -14.67 18.14
C LYS D 74 -15.49 -13.94 17.06
N THR D 75 -16.11 -12.82 17.42
CA THR D 75 -16.83 -12.01 16.43
C THR D 75 -15.94 -10.89 15.91
N GLY D 76 -15.48 -10.01 16.81
CA GLY D 76 -14.59 -8.93 16.42
C GLY D 76 -14.36 -7.97 17.56
N TYR D 77 -13.62 -6.89 17.30
CA TYR D 77 -13.20 -5.99 18.36
C TYR D 77 -13.91 -4.64 18.35
N SER D 78 -14.89 -4.46 17.47
CA SER D 78 -15.68 -3.22 17.47
C SER D 78 -16.49 -3.13 18.76
N GLY D 79 -16.90 -1.92 19.13
CA GLY D 79 -17.60 -1.72 20.38
C GLY D 79 -18.85 -2.58 20.49
N GLU D 80 -19.64 -2.62 19.43
CA GLU D 80 -20.89 -3.32 19.47
C GLU D 80 -20.69 -4.83 19.65
N GLN D 81 -19.63 -5.37 19.04
CA GLN D 81 -19.35 -6.79 19.16
C GLN D 81 -18.84 -7.17 20.56
N VAL D 82 -17.94 -6.37 21.10
CA VAL D 82 -17.35 -6.70 22.39
C VAL D 82 -18.38 -6.49 23.50
N ALA D 83 -19.24 -5.49 23.34
CA ALA D 83 -20.23 -5.16 24.36
C ALA D 83 -21.23 -6.31 24.58
N VAL D 84 -21.50 -7.10 23.53
CA VAL D 84 -22.28 -8.33 23.69
C VAL D 84 -21.67 -9.24 24.77
N TYR D 85 -20.37 -9.50 24.69
CA TYR D 85 -19.72 -10.36 25.69
C TYR D 85 -19.88 -9.83 27.11
N LEU D 86 -19.64 -8.54 27.29
CA LEU D 86 -19.73 -7.94 28.62
C LEU D 86 -21.16 -7.90 29.16
N HIS D 87 -22.12 -7.58 28.29
CA HIS D 87 -23.54 -7.58 28.67
C HIS D 87 -24.00 -8.97 29.08
N LYS D 88 -23.72 -9.96 28.26
CA LYS D 88 -24.15 -11.33 28.57
C LYS D 88 -23.43 -11.87 29.80
N LEU D 89 -22.17 -11.49 30.01
CA LEU D 89 -21.48 -11.88 31.24
C LEU D 89 -22.22 -11.33 32.46
N ALA D 90 -22.61 -10.06 32.39
CA ALA D 90 -23.26 -9.41 33.53
C ALA D 90 -24.61 -10.03 33.82
N ARG D 91 -25.35 -10.35 32.77
CA ARG D 91 -26.65 -10.98 32.91
C ARG D 91 -26.55 -12.38 33.54
N GLN D 92 -25.45 -13.08 33.29
CA GLN D 92 -25.26 -14.37 33.96
C GLN D 92 -25.35 -14.18 35.48
N PHE D 93 -24.79 -13.08 35.97
CA PHE D 93 -24.76 -12.86 37.41
C PHE D 93 -25.90 -12.02 37.94
N SER D 94 -26.53 -11.24 37.05
CA SER D 94 -27.66 -10.43 37.47
C SER D 94 -28.83 -10.57 36.46
N PRO D 95 -29.40 -11.77 36.35
CA PRO D 95 -30.42 -12.02 35.32
C PRO D 95 -31.76 -11.36 35.59
N ASP D 96 -32.05 -11.05 36.86
CA ASP D 96 -33.39 -10.66 37.28
C ASP D 96 -33.50 -9.19 37.69
N ARG D 97 -32.41 -8.45 37.62
CA ARG D 97 -32.46 -7.03 37.99
C ARG D 97 -31.35 -6.25 37.28
N PRO D 98 -31.54 -4.94 37.11
CA PRO D 98 -30.49 -4.18 36.43
C PRO D 98 -29.22 -4.12 37.26
N PHE D 99 -28.11 -3.88 36.59
CA PHE D 99 -26.85 -3.84 37.29
C PHE D 99 -26.21 -2.48 37.06
N ASP D 100 -25.20 -2.13 37.84
CA ASP D 100 -24.48 -0.89 37.59
C ASP D 100 -23.27 -1.13 36.70
N LEU D 101 -22.89 -0.11 35.94
CA LEU D 101 -21.69 -0.20 35.10
C LEU D 101 -20.75 0.94 35.40
N VAL D 102 -19.49 0.59 35.65
CA VAL D 102 -18.41 1.57 35.80
C VAL D 102 -17.33 1.21 34.77
N ALA D 103 -17.01 2.14 33.88
CA ALA D 103 -16.01 1.85 32.85
C ALA D 103 -14.96 2.95 32.74
N HIS D 104 -13.74 2.55 32.40
CA HIS D 104 -12.62 3.47 32.27
C HIS D 104 -11.96 3.24 30.92
N ASP D 105 -11.56 4.33 30.24
CA ASP D 105 -10.71 4.22 29.05
C ASP D 105 -11.49 3.42 27.99
N ILE D 106 -10.86 2.48 27.29
CA ILE D 106 -11.60 1.73 26.26
C ILE D 106 -12.69 0.81 26.82
N GLY D 107 -12.75 0.68 28.14
CA GLY D 107 -13.91 0.02 28.75
C GLY D 107 -15.20 0.76 28.36
N ILE D 108 -15.08 2.05 28.09
CA ILE D 108 -16.22 2.83 27.61
C ILE D 108 -16.61 2.43 26.18
N TRP D 109 -15.61 2.35 25.31
CA TRP D 109 -15.81 1.92 23.92
C TRP D 109 -16.52 0.57 23.87
N ASN D 110 -16.12 -0.31 24.77
CA ASN D 110 -16.61 -1.69 24.77
C ASN D 110 -17.86 -1.92 25.60
N THR D 111 -18.48 -0.85 26.10
CA THR D 111 -19.72 -1.03 26.86
C THR D 111 -20.83 -0.11 26.40
N TYR D 112 -20.49 1.03 25.81
CA TYR D 112 -21.52 1.96 25.36
C TYR D 112 -22.66 1.34 24.53
N PRO D 113 -22.34 0.50 23.52
CA PRO D 113 -23.43 -0.07 22.72
C PRO D 113 -24.40 -0.92 23.54
N MET D 114 -23.90 -1.76 24.45
CA MET D 114 -24.81 -2.58 25.23
C MET D 114 -25.59 -1.73 26.25
N VAL D 115 -25.03 -0.59 26.66
CA VAL D 115 -25.79 0.29 27.57
C VAL D 115 -26.97 0.94 26.85
N VAL D 116 -26.68 1.53 25.69
CA VAL D 116 -27.71 2.22 24.92
C VAL D 116 -28.80 1.25 24.41
N LYS D 117 -28.41 0.01 24.10
CA LYS D 117 -29.35 -0.98 23.56
C LYS D 117 -30.13 -1.76 24.62
N ASN D 118 -29.65 -1.74 25.86
CA ASN D 118 -30.31 -2.48 26.93
C ASN D 118 -30.46 -1.61 28.16
N GLN D 119 -31.08 -0.45 27.98
CA GLN D 119 -31.12 0.53 29.05
C GLN D 119 -31.85 0.03 30.28
N ALA D 120 -32.84 -0.85 30.09
CA ALA D 120 -33.57 -1.43 31.22
C ALA D 120 -32.66 -2.31 32.08
N ASP D 121 -31.51 -2.71 31.55
CA ASP D 121 -30.59 -3.57 32.30
C ASP D 121 -29.54 -2.76 33.07
N ILE D 122 -29.51 -1.45 32.86
CA ILE D 122 -28.49 -0.61 33.49
C ILE D 122 -29.05 0.36 34.51
N ALA D 123 -28.87 0.07 35.80
CA ALA D 123 -29.40 0.94 36.84
C ALA D 123 -28.65 2.29 36.83
N ARG D 124 -27.35 2.27 37.06
CA ARG D 124 -26.58 3.50 37.07
C ARG D 124 -25.27 3.33 36.31
N LEU D 125 -24.81 4.43 35.73
CA LEU D 125 -23.67 4.41 34.83
C LEU D 125 -22.56 5.38 35.28
N VAL D 126 -21.34 4.88 35.33
CA VAL D 126 -20.19 5.74 35.60
C VAL D 126 -19.15 5.55 34.49
N TYR D 127 -18.85 6.63 33.77
CA TYR D 127 -17.85 6.60 32.70
C TYR D 127 -16.70 7.53 33.07
N MET D 128 -15.46 7.05 32.95
CA MET D 128 -14.33 7.93 33.24
C MET D 128 -13.22 7.85 32.20
N GLU D 129 -12.69 9.02 31.84
CA GLU D 129 -11.45 9.11 31.06
C GLU D 129 -11.43 8.31 29.76
N ALA D 130 -12.38 8.58 28.87
CA ALA D 130 -12.26 8.21 27.46
C ALA D 130 -13.43 8.76 26.72
N PRO D 131 -13.22 9.24 25.49
CA PRO D 131 -14.37 9.60 24.69
C PRO D 131 -15.16 8.36 24.29
N ILE D 132 -16.48 8.47 24.29
CA ILE D 132 -17.28 7.54 23.51
C ILE D 132 -16.85 7.75 22.07
N PRO D 133 -16.56 6.66 21.34
CA PRO D 133 -16.09 6.82 19.95
C PRO D 133 -17.13 7.52 19.11
N ASP D 134 -16.81 8.75 18.70
CA ASP D 134 -17.63 9.48 17.73
C ASP D 134 -16.73 10.43 16.97
N ALA D 135 -17.33 11.32 16.18
CA ALA D 135 -16.57 12.20 15.29
C ALA D 135 -15.68 13.21 16.03
N ARG D 136 -15.95 13.43 17.30
CA ARG D 136 -15.11 14.34 18.09
C ARG D 136 -13.64 13.90 18.14
N ILE D 137 -13.39 12.60 18.05
CA ILE D 137 -12.04 12.10 18.17
C ILE D 137 -11.20 12.52 16.97
N TYR D 138 -11.84 12.89 15.86
CA TYR D 138 -11.13 13.33 14.67
C TYR D 138 -10.63 14.77 14.77
N ARG D 139 -10.98 15.45 15.86
CA ARG D 139 -10.52 16.81 16.11
C ARG D 139 -9.23 16.88 16.94
N PHE D 140 -8.91 15.82 17.66
CA PHE D 140 -7.71 15.82 18.50
C PHE D 140 -6.45 15.98 17.63
N PRO D 141 -5.51 16.81 18.06
CA PRO D 141 -4.30 17.11 17.26
C PRO D 141 -3.23 16.02 17.26
N ALA D 142 -2.55 15.88 16.12
CA ALA D 142 -1.43 14.94 15.97
C ALA D 142 -0.22 15.38 16.78
N PHE D 143 -0.11 16.69 16.98
CA PHE D 143 1.11 17.29 17.52
C PHE D 143 0.80 18.64 18.15
N THR D 144 1.53 19.01 19.19
CA THR D 144 1.24 20.25 19.92
C THR D 144 2.47 21.11 20.13
N ALA D 145 2.23 22.35 20.56
CA ALA D 145 3.31 23.29 20.87
C ALA D 145 4.16 22.83 22.06
N GLN D 146 3.67 21.86 22.83
CA GLN D 146 4.44 21.32 23.94
C GLN D 146 5.03 19.96 23.55
N GLY D 147 4.84 19.58 22.30
CA GLY D 147 5.41 18.34 21.81
C GLY D 147 4.42 17.21 21.65
N GLU D 148 4.83 16.02 22.07
CA GLU D 148 4.05 14.80 21.95
C GLU D 148 2.61 15.04 22.37
N SER D 149 1.65 14.72 21.49
CA SER D 149 0.25 14.91 21.84
C SER D 149 -0.29 13.72 22.64
N LEU D 150 -1.53 13.84 23.10
CA LEU D 150 -2.11 12.83 23.96
C LEU D 150 -2.69 11.62 23.22
N VAL D 151 -3.06 11.78 21.95
CA VAL D 151 -3.66 10.64 21.26
C VAL D 151 -3.06 10.28 19.90
N TRP D 152 -1.80 10.61 19.67
CA TRP D 152 -1.16 10.22 18.40
C TRP D 152 -1.20 8.70 18.23
N HIS D 153 -1.21 8.00 19.35
CA HIS D 153 -1.23 6.55 19.39
C HIS D 153 -2.48 5.92 18.77
N PHE D 154 -3.56 6.70 18.61
CA PHE D 154 -4.72 6.20 17.89
C PHE D 154 -4.31 5.69 16.50
N SER D 155 -3.52 6.48 15.78
CA SER D 155 -3.06 6.11 14.45
C SER D 155 -2.00 5.00 14.46
N PHE D 156 -1.07 5.11 15.40
CA PHE D 156 -0.03 4.11 15.60
C PHE D 156 -0.67 2.75 15.82
N PHE D 157 -1.64 2.70 16.72
CA PHE D 157 -2.30 1.43 17.06
C PHE D 157 -3.21 0.97 15.92
N ALA D 158 -3.88 1.90 15.25
CA ALA D 158 -4.80 1.53 14.17
C ALA D 158 -4.09 1.10 12.89
N ALA D 159 -2.81 1.41 12.77
CA ALA D 159 -2.07 1.13 11.54
C ALA D 159 -2.07 -0.37 11.19
N ASP D 160 -2.01 -0.68 9.91
CA ASP D 160 -1.97 -2.08 9.48
C ASP D 160 -0.53 -2.60 9.54
N ASP D 161 -0.26 -3.73 8.86
CA ASP D 161 1.06 -4.35 8.85
C ASP D 161 1.48 -4.76 10.25
N ARG D 162 0.52 -4.84 11.18
CA ARG D 162 0.85 -5.10 12.58
C ARG D 162 1.97 -4.16 13.05
N LEU D 163 1.87 -2.89 12.66
CA LEU D 163 2.93 -1.93 12.94
C LEU D 163 3.25 -1.88 14.43
N ALA D 164 2.22 -1.74 15.26
CA ALA D 164 2.43 -1.60 16.70
C ALA D 164 2.97 -2.88 17.36
N GLU D 165 2.40 -4.05 17.05
CA GLU D 165 2.91 -5.29 17.64
C GLU D 165 4.37 -5.48 17.29
N THR D 166 4.71 -5.18 16.05
CA THR D 166 6.07 -5.41 15.56
C THR D 166 7.08 -4.49 16.23
N LEU D 167 6.72 -3.23 16.46
CA LEU D 167 7.64 -2.28 17.04
C LEU D 167 7.76 -2.49 18.54
N ILE D 168 6.65 -2.85 19.18
CA ILE D 168 6.61 -2.93 20.62
C ILE D 168 7.05 -4.29 21.16
N ALA D 169 6.93 -5.33 20.35
CA ALA D 169 7.34 -6.66 20.81
C ALA D 169 8.80 -6.64 21.28
N GLY D 170 9.04 -7.24 22.44
CA GLY D 170 10.37 -7.18 23.04
C GLY D 170 10.58 -5.91 23.87
N LYS D 171 9.75 -4.89 23.64
CA LYS D 171 9.91 -3.61 24.35
C LYS D 171 8.62 -3.20 25.06
N GLU D 172 7.85 -4.20 25.49
CA GLU D 172 6.52 -3.96 26.02
C GLU D 172 6.57 -3.12 27.29
N ARG D 173 7.47 -3.49 28.19
CA ARG D 173 7.63 -2.80 29.46
C ARG D 173 8.05 -1.35 29.24
N PHE D 174 9.02 -1.17 28.34
CA PHE D 174 9.48 0.18 28.01
C PHE D 174 8.36 1.02 27.41
N PHE D 175 7.61 0.46 26.47
CA PHE D 175 6.57 1.26 25.83
C PHE D 175 5.48 1.61 26.80
N LEU D 176 5.05 0.63 27.60
CA LEU D 176 3.93 0.84 28.52
C LEU D 176 4.27 1.92 29.56
N GLU D 177 5.51 1.93 30.03
CA GLU D 177 5.89 2.96 30.99
C GLU D 177 5.80 4.35 30.37
N HIS D 178 6.29 4.48 29.15
CA HIS D 178 6.18 5.77 28.48
C HIS D 178 4.72 6.14 28.31
N PHE D 179 3.92 5.19 27.83
CA PHE D 179 2.52 5.46 27.55
C PHE D 179 1.73 5.85 28.79
N ILE D 180 1.91 5.08 29.87
CA ILE D 180 1.17 5.34 31.10
C ILE D 180 1.61 6.67 31.72
N LYS D 181 2.92 6.86 31.87
CA LYS D 181 3.41 8.05 32.53
C LYS D 181 3.17 9.33 31.72
N SER D 182 3.16 9.22 30.40
CA SER D 182 2.90 10.40 29.58
C SER D 182 1.44 10.83 29.61
N HIS D 183 0.57 9.97 30.13
CA HIS D 183 -0.85 10.31 30.29
C HIS D 183 -1.23 10.46 31.75
N ALA D 184 -0.20 10.51 32.61
CA ALA D 184 -0.38 10.61 34.05
C ALA D 184 -0.02 11.99 34.62
N SER D 185 -0.63 12.34 35.75
CA SER D 185 -0.16 13.46 36.57
C SER D 185 0.66 12.89 37.71
N ASN D 186 0.16 11.82 38.30
CA ASN D 186 0.83 11.21 39.44
C ASN D 186 1.59 10.00 38.96
N THR D 187 2.82 10.20 38.52
CA THR D 187 3.58 9.08 37.96
C THR D 187 4.11 8.19 39.07
N GLU D 188 4.19 8.73 40.28
CA GLU D 188 4.77 8.02 41.42
C GLU D 188 3.94 6.78 41.77
N VAL D 189 2.63 6.85 41.53
CA VAL D 189 1.74 5.74 41.87
C VAL D 189 2.03 4.50 41.04
N PHE D 190 2.75 4.68 39.93
CA PHE D 190 3.12 3.55 39.09
C PHE D 190 4.52 3.07 39.41
N SER D 191 4.60 2.22 40.42
CA SER D 191 5.86 1.63 40.87
C SER D 191 6.42 0.77 39.75
N GLU D 192 7.72 0.50 39.81
CA GLU D 192 8.35 -0.36 38.83
C GLU D 192 7.71 -1.76 38.83
N ARG D 193 7.24 -2.18 40.00
CA ARG D 193 6.58 -3.45 40.13
C ARG D 193 5.21 -3.51 39.42
N LEU D 194 4.38 -2.49 39.62
CA LEU D 194 3.08 -2.45 38.99
C LEU D 194 3.23 -2.41 37.47
N LEU D 195 4.22 -1.66 37.01
CA LEU D 195 4.47 -1.54 35.58
C LEU D 195 4.88 -2.88 35.02
N ASP D 196 5.69 -3.63 35.77
CA ASP D 196 6.15 -4.96 35.36
C ASP D 196 4.95 -5.89 35.21
N LEU D 197 4.00 -5.82 36.14
CA LEU D 197 2.82 -6.69 36.10
C LEU D 197 1.95 -6.41 34.86
N TYR D 198 1.67 -5.14 34.60
CA TYR D 198 0.88 -4.80 33.43
C TYR D 198 1.58 -5.16 32.13
N ALA D 199 2.89 -4.93 32.08
CA ALA D 199 3.64 -5.20 30.85
C ALA D 199 3.69 -6.69 30.52
N ARG D 200 3.86 -7.56 31.51
CA ARG D 200 3.89 -8.96 31.22
C ARG D 200 2.56 -9.50 30.78
N SER D 201 1.50 -8.93 31.26
CA SER D 201 0.19 -9.35 30.78
C SER D 201 -0.03 -8.98 29.32
N TYR D 202 0.19 -7.72 28.96
CA TYR D 202 -0.16 -7.36 27.59
C TYR D 202 0.92 -7.79 26.59
N ALA D 203 2.06 -8.25 27.12
CA ALA D 203 3.11 -8.78 26.28
C ALA D 203 2.78 -10.17 25.72
N LYS D 204 1.79 -10.87 26.30
CA LYS D 204 1.36 -12.14 25.71
C LYS D 204 0.99 -11.81 24.26
N PRO D 205 1.51 -12.58 23.29
CA PRO D 205 1.30 -12.26 21.87
C PRO D 205 -0.16 -12.03 21.52
N HIS D 206 -1.07 -12.87 21.99
CA HIS D 206 -2.47 -12.64 21.66
C HIS D 206 -3.04 -11.38 22.32
N SER D 207 -2.46 -10.98 23.45
CA SER D 207 -2.93 -9.79 24.18
C SER D 207 -2.36 -8.52 23.59
N LEU D 208 -1.12 -8.59 23.13
CA LEU D 208 -0.48 -7.46 22.47
C LEU D 208 -1.29 -7.13 21.22
N ASN D 209 -1.64 -8.17 20.47
CA ASN D 209 -2.44 -7.96 19.26
C ASN D 209 -3.88 -7.52 19.57
N ALA D 210 -4.51 -8.15 20.57
CA ALA D 210 -5.85 -7.76 20.96
C ALA D 210 -5.90 -6.29 21.30
N SER D 211 -4.90 -5.82 22.04
CA SER D 211 -4.78 -4.40 22.39
C SER D 211 -4.98 -3.48 21.18
N PHE D 212 -4.31 -3.78 20.09
CA PHE D 212 -4.35 -2.86 18.96
C PHE D 212 -5.55 -3.07 18.05
N GLU D 213 -6.11 -4.29 18.06
CA GLU D 213 -7.32 -4.57 17.29
C GLU D 213 -8.48 -3.71 17.77
N TYR D 214 -8.52 -3.40 19.07
CA TYR D 214 -9.52 -2.45 19.57
C TYR D 214 -9.43 -1.13 18.83
N TYR D 215 -8.21 -0.72 18.48
CA TYR D 215 -8.00 0.54 17.75
C TYR D 215 -8.22 0.37 16.25
N ARG D 216 -7.89 -0.81 15.74
CA ARG D 216 -8.12 -1.06 14.31
C ARG D 216 -9.62 -1.12 13.99
N ALA D 217 -10.42 -1.37 15.03
CA ALA D 217 -11.86 -1.35 14.89
C ALA D 217 -12.48 -0.02 15.33
N LEU D 218 -11.65 0.96 15.68
CA LEU D 218 -12.18 2.20 16.25
C LEU D 218 -13.08 2.97 15.28
N ASN D 219 -12.69 3.03 14.00
CA ASN D 219 -13.54 3.73 13.03
C ASN D 219 -14.86 3.02 12.82
N GLU D 220 -14.84 1.69 12.93
CA GLU D 220 -16.07 0.92 12.86
C GLU D 220 -16.96 1.26 14.05
N SER D 221 -16.37 1.35 15.24
CA SER D 221 -17.11 1.75 16.45
C SER D 221 -17.76 3.14 16.31
N VAL D 222 -17.00 4.09 15.78
CA VAL D 222 -17.53 5.43 15.50
C VAL D 222 -18.76 5.35 14.60
N ARG D 223 -18.70 4.50 13.57
CA ARG D 223 -19.81 4.36 12.62
C ARG D 223 -21.02 3.68 13.28
N GLN D 224 -20.78 2.65 14.08
CA GLN D 224 -21.83 2.01 14.87
C GLN D 224 -22.49 3.01 15.81
N ASN D 225 -21.68 3.80 16.50
CA ASN D 225 -22.21 4.72 17.47
C ASN D 225 -23.00 5.86 16.85
N ALA D 226 -22.69 6.21 15.60
CA ALA D 226 -23.50 7.23 14.89
C ALA D 226 -24.96 6.81 14.79
N GLU D 227 -25.20 5.51 14.65
CA GLU D 227 -26.57 5.00 14.63
C GLU D 227 -27.11 4.83 16.05
N LEU D 228 -26.31 4.21 16.92
CA LEU D 228 -26.75 3.97 18.30
C LEU D 228 -27.18 5.24 19.03
N ALA D 229 -26.44 6.32 18.82
CA ALA D 229 -26.63 7.55 19.59
C ALA D 229 -27.91 8.30 19.23
N LYS D 230 -28.64 7.81 18.24
CA LYS D 230 -29.97 8.33 17.96
C LYS D 230 -30.89 8.15 19.17
N THR D 231 -30.55 7.20 20.06
CA THR D 231 -31.27 6.98 21.31
C THR D 231 -30.47 7.52 22.50
N ARG D 232 -31.00 8.51 23.20
CA ARG D 232 -30.29 9.07 24.35
C ARG D 232 -30.31 8.09 25.52
N LEU D 233 -29.24 8.10 26.31
CA LEU D 233 -29.18 7.34 27.56
C LEU D 233 -30.09 7.99 28.59
N GLN D 234 -30.92 7.19 29.24
CA GLN D 234 -31.87 7.71 30.22
C GLN D 234 -31.50 7.42 31.68
N MET D 235 -30.57 6.50 31.92
CA MET D 235 -30.25 6.15 33.30
C MET D 235 -29.35 7.19 33.99
N PRO D 236 -29.40 7.26 35.34
CA PRO D 236 -28.50 8.18 36.04
C PRO D 236 -27.04 7.89 35.70
N THR D 237 -26.31 8.93 35.30
CA THR D 237 -24.94 8.79 34.86
C THR D 237 -24.01 9.76 35.58
N MET D 238 -22.81 9.29 35.90
CA MET D 238 -21.77 10.19 36.37
C MET D 238 -20.53 10.04 35.51
N THR D 239 -19.93 11.16 35.12
CA THR D 239 -18.62 11.14 34.51
C THR D 239 -17.55 11.64 35.47
N LEU D 240 -16.35 11.07 35.33
CA LEU D 240 -15.16 11.55 36.02
C LEU D 240 -14.04 11.73 35.01
N ALA D 241 -13.26 12.79 35.19
CA ALA D 241 -12.10 13.06 34.35
C ALA D 241 -10.98 13.69 35.19
N GLY D 242 -9.75 13.50 34.75
CA GLY D 242 -8.62 14.09 35.45
C GLY D 242 -8.49 15.53 35.03
N GLY D 243 -8.17 16.41 35.97
CA GLY D 243 -7.92 17.81 35.69
C GLY D 243 -6.46 18.17 35.47
N GLY D 244 -5.56 17.23 35.74
CA GLY D 244 -4.14 17.46 35.59
C GLY D 244 -3.60 16.98 34.25
N HIS D 245 -2.28 17.02 34.11
CA HIS D 245 -1.63 16.54 32.90
C HIS D 245 -2.07 15.13 32.51
N GLY D 246 -2.41 14.94 31.25
CA GLY D 246 -2.85 13.63 30.78
C GLY D 246 -4.34 13.37 30.89
N GLY D 247 -5.05 14.19 31.66
CA GLY D 247 -6.48 14.01 31.88
C GLY D 247 -7.32 14.63 30.78
N MET D 248 -8.60 14.26 30.73
CA MET D 248 -9.51 14.81 29.71
C MET D 248 -10.27 16.06 30.13
N GLY D 249 -10.20 16.42 31.42
CA GLY D 249 -10.85 17.62 31.92
C GLY D 249 -12.31 17.72 31.52
N THR D 250 -12.74 18.89 31.05
CA THR D 250 -14.17 19.15 30.80
C THR D 250 -14.78 18.34 29.65
N PHE D 251 -13.94 17.74 28.81
CA PHE D 251 -14.44 17.02 27.62
C PHE D 251 -15.39 15.90 28.01
N GLN D 252 -15.03 15.14 29.05
CA GLN D 252 -15.82 13.96 29.44
C GLN D 252 -17.29 14.30 29.68
N LEU D 253 -17.53 15.29 30.53
CA LEU D 253 -18.90 15.71 30.83
C LEU D 253 -19.56 16.37 29.63
N GLU D 254 -18.84 17.24 28.93
CA GLU D 254 -19.42 17.97 27.81
C GLU D 254 -19.84 17.02 26.68
N GLN D 255 -19.04 15.99 26.43
CA GLN D 255 -19.48 14.94 25.49
C GLN D 255 -20.69 14.18 26.03
N MET D 256 -20.63 13.79 27.30
CA MET D 256 -21.68 12.94 27.84
C MET D 256 -23.03 13.64 27.82
N LYS D 257 -23.02 14.96 27.98
CA LYS D 257 -24.23 15.77 27.93
C LYS D 257 -24.97 15.62 26.59
N ALA D 258 -24.21 15.38 25.51
CA ALA D 258 -24.82 15.13 24.23
C ALA D 258 -25.42 13.73 24.15
N TYR D 259 -25.00 12.84 25.05
CA TYR D 259 -25.46 11.45 25.00
C TYR D 259 -26.50 11.09 26.06
N ALA D 260 -26.48 11.77 27.20
CA ALA D 260 -27.30 11.38 28.34
C ALA D 260 -28.18 12.52 28.85
N GLU D 261 -29.39 12.18 29.27
CA GLU D 261 -30.35 13.15 29.80
C GLU D 261 -30.05 13.53 31.24
N ASP D 262 -29.48 12.59 31.98
CA ASP D 262 -29.33 12.74 33.41
C ASP D 262 -27.90 12.43 33.81
N VAL D 263 -27.04 13.45 33.74
CA VAL D 263 -25.62 13.27 33.98
C VAL D 263 -25.09 14.35 34.93
N GLU D 264 -24.22 13.92 35.85
CA GLU D 264 -23.43 14.84 36.64
C GLU D 264 -21.97 14.45 36.41
N GLY D 265 -21.07 15.42 36.48
CA GLY D 265 -19.68 15.14 36.22
C GLY D 265 -18.76 15.85 37.18
N HIS D 266 -17.57 15.28 37.35
CA HIS D 266 -16.54 15.92 38.16
C HIS D 266 -15.22 15.88 37.43
N VAL D 267 -14.43 16.92 37.64
CA VAL D 267 -13.07 16.95 37.16
C VAL D 267 -12.18 16.90 38.42
N LEU D 268 -11.17 16.06 38.40
CA LEU D 268 -10.35 15.84 39.59
C LEU D 268 -8.98 16.49 39.41
N PRO D 269 -8.77 17.64 40.06
CA PRO D 269 -7.50 18.38 39.96
C PRO D 269 -6.36 17.53 40.48
N GLY D 270 -5.18 17.62 39.87
CA GLY D 270 -4.04 16.86 40.33
C GLY D 270 -4.09 15.40 39.87
N CYS D 271 -4.99 15.08 38.95
CA CYS D 271 -5.11 13.71 38.44
C CYS D 271 -5.08 13.69 36.94
N GLY D 272 -4.42 12.69 36.37
CA GLY D 272 -4.37 12.53 34.93
C GLY D 272 -5.36 11.48 34.45
N HIS D 273 -4.93 10.67 33.50
CA HIS D 273 -5.80 9.71 32.80
C HIS D 273 -6.14 8.49 33.67
N TRP D 274 -5.25 8.11 34.57
CA TRP D 274 -5.39 6.82 35.24
C TRP D 274 -6.05 6.95 36.60
N LEU D 275 -7.30 7.40 36.60
CA LEU D 275 -7.98 7.78 37.86
C LEU D 275 -7.93 6.73 38.97
N PRO D 276 -8.24 5.46 38.67
CA PRO D 276 -8.28 4.50 39.78
C PRO D 276 -6.94 4.36 40.52
N GLU D 277 -5.83 4.58 39.82
CA GLU D 277 -4.52 4.48 40.43
C GLU D 277 -3.98 5.81 40.89
N GLU D 278 -4.14 6.85 40.07
CA GLU D 278 -3.59 8.15 40.41
C GLU D 278 -4.34 8.81 41.53
N CYS D 279 -5.64 8.60 41.57
CA CYS D 279 -6.49 9.31 42.51
C CYS D 279 -7.56 8.38 43.10
N ALA D 280 -7.06 7.28 43.67
CA ALA D 280 -7.84 6.19 44.23
C ALA D 280 -8.88 6.67 45.24
N ALA D 281 -8.46 7.45 46.22
CA ALA D 281 -9.38 7.82 47.29
C ALA D 281 -10.56 8.67 46.82
N PRO D 282 -10.30 9.81 46.16
CA PRO D 282 -11.44 10.62 45.69
C PRO D 282 -12.29 9.92 44.64
N MET D 283 -11.66 9.19 43.72
CA MET D 283 -12.42 8.48 42.72
C MET D 283 -13.30 7.44 43.36
N ASN D 284 -12.72 6.66 44.28
CA ASN D 284 -13.47 5.63 45.00
C ASN D 284 -14.66 6.22 45.70
N ARG D 285 -14.44 7.33 46.40
CA ARG D 285 -15.51 7.99 47.17
C ARG D 285 -16.64 8.42 46.25
N LEU D 286 -16.30 9.02 45.12
CA LEU D 286 -17.31 9.56 44.23
C LEU D 286 -18.13 8.44 43.59
N VAL D 287 -17.47 7.36 43.20
CA VAL D 287 -18.14 6.19 42.66
C VAL D 287 -19.06 5.52 43.69
N ILE D 288 -18.52 5.20 44.86
CA ILE D 288 -19.30 4.58 45.94
C ILE D 288 -20.55 5.40 46.27
N ASP D 289 -20.39 6.70 46.45
CA ASP D 289 -21.52 7.58 46.81
C ASP D 289 -22.52 7.69 45.69
N PHE D 290 -22.04 7.76 44.46
CA PHE D 290 -22.96 7.88 43.34
C PHE D 290 -23.80 6.61 43.22
N LEU D 291 -23.14 5.46 43.34
CA LEU D 291 -23.83 4.19 43.18
C LEU D 291 -24.69 3.88 44.40
N SER D 292 -24.31 4.40 45.56
CA SER D 292 -25.06 4.11 46.78
C SER D 292 -26.33 4.94 46.94
N ARG D 293 -26.52 5.96 46.10
CA ARG D 293 -27.87 6.53 45.97
C ARG D 293 -28.67 5.48 45.19
N GLY D 294 -29.66 4.88 45.79
CA GLY D 294 -30.30 3.74 45.13
C GLY D 294 -29.84 2.40 45.66
N ARG D 295 -30.64 1.39 45.40
CA ARG D 295 -30.49 0.01 45.90
C ARG D 295 -29.07 -0.53 46.09
N HIS D 296 -28.76 -0.92 47.30
CA HIS D 296 -27.49 -1.60 47.63
C HIS D 296 -27.59 -2.41 48.92
N HIS D 297 -26.47 -2.98 49.34
CA HIS D 297 -26.42 -3.80 50.56
C HIS D 297 -25.79 -3.03 51.73
#